data_2Y35
#
_entry.id   2Y35
#
_cell.length_a   149.990
_cell.length_b   149.990
_cell.length_c   154.860
_cell.angle_alpha   90.00
_cell.angle_beta   90.00
_cell.angle_gamma   90.00
#
_symmetry.space_group_name_H-M   'P 42 21 2'
#
loop_
_entity.id
_entity.type
_entity.pdbx_description
1 polymer LD22664P
2 polymer "DT11 (5'-D(*TP*TP*TP*TP*TP*TP*TP*TP*TP*TP*TP)-3'"
3 non-polymer 'MAGNESIUM ION'
4 water water
#
loop_
_entity_poly.entity_id
_entity_poly.type
_entity_poly.pdbx_seq_one_letter_code
_entity_poly.pdbx_strand_id
1 'polypeptide(L)'
;MGVPKFFRYISERYPCLSELAREHCIPEFDNLYLDMNGIVHNCSHPDDNNIHFHLEEEQIFQEIFNYVDKLFYLIKPQRL
FFLSVDGVAPRAKMNQQRSRRFRTAREAEQQEAKAAQRGELREHERFDSNCITPGTEFMVRLQEGLRAFLKTKISTDPLW
QRCTVILSGQEAPGEGEHKIMDYIRYMKTQPDYDPNTRHCLYGLDAALIILGLCTHELHFVVLREEVKFGRNVKRTSVEE
TRFFLLHLGLLREYLELEFDALRTDEHKLDIAQLIDDWVLMGFLVGNDFIPHLPCLHISSNALPLLYRTYIGIYPTLGGN
INENGKLNLRRLQIFISALTEVELDHFKEHADDLKYMNNKSEAFDMDVGEITESQNLDSDLGALINKSMLLYDDDSEEDC
SDENAVLLKEFQNYKRNFYRNKFKRDPNDELIEELCHHYVNALQWVLDYYYRGVQSWDWYYPFHYTPFISDLKNIEQVEI
AFHMGTPFLPFQQLLAVLPAASAKLLPVAYHDLMLLPTSPLAEFYPLEFESDLNGKKHDWEAVVLIPFIDEGRLLAAMLP
CEAQLSLEERERNRHGPMYVYKYSTVAQGPMPAYPPLRALPVLYCTEVAKWSHEIAVNLPYSVCIELPNAARTVFFPGFP
TMQHLPFDFELRNDRVKVFEQVSRNQNIVLKPRKRQLEDTLTAVASQYLGKVIHVGWPHLVKAIVVRVATRDQRVDSEGI
TLNDSRRFDSECKALQEHFINRMGIQFANYDVLVYVRTFAGNSTEFRDKGALMVRDSWSSSVTGYPAQGVVADLTVWERM
RKNFLNVEHYFPVGSTIFLITDPYYGSEGTVQDPRLAYTNGRIQVSIMVRPEPKVNAARQLQEERDRDYLSTFQVCNLLR
ISGRTLGRLSGTVWVVLGPRRQKMENVTKHNIGLQLKYPRQNEERAGYCFRTNNQWYYSSLAVDLMRNYCQRYPDVIDFF
GDSNDRAEFVFEQDVFPNAVGHRRVEELANWVRQQPHMKVERISCGSKTVCRETIELLIAAVDDLRSLPVKHVKLQVKPH
LLIKPNVTLPDVYRSKRPVRLFDRVVIVRTIYMVPVGTKGTVIGIHPVTDPNPVRLECVHAVDTFCKVLFDSPVPNCNNI
HGIAEDRVYKVPEIALVIIK
;
A
2 'polydeoxyribonucleotide' (DT)(DT)(DT)(DT)(DT)(DT)(DT)(DT)(DT)(DT)(DT) B
#
loop_
_chem_comp.id
_chem_comp.type
_chem_comp.name
_chem_comp.formula
DT DNA linking THYMIDINE-5'-MONOPHOSPHATE 'C10 H15 N2 O8 P'
MG non-polymer 'MAGNESIUM ION' 'Mg 2'
#
# COMPACT_ATOMS: atom_id res chain seq x y z
N MET A 1 11.27 -1.19 9.40
CA MET A 1 10.80 -1.11 8.02
C MET A 1 9.66 -0.11 7.89
N GLY A 2 8.46 -0.64 7.67
CA GLY A 2 7.26 0.15 7.44
C GLY A 2 7.01 0.29 5.96
N VAL A 3 8.10 0.47 5.22
CA VAL A 3 8.08 0.58 3.78
C VAL A 3 9.47 0.26 3.27
N PRO A 4 9.55 -0.40 2.10
CA PRO A 4 10.79 -0.81 1.45
C PRO A 4 11.79 0.34 1.39
N LYS A 5 13.08 0.04 1.49
CA LYS A 5 14.14 1.06 1.46
C LYS A 5 14.19 1.84 0.15
N PHE A 6 13.89 1.17 -0.96
CA PHE A 6 13.83 1.80 -2.28
C PHE A 6 12.70 2.84 -2.32
N PHE A 7 11.50 2.38 -1.96
CA PHE A 7 10.34 3.25 -1.86
C PHE A 7 10.66 4.46 -0.98
N ARG A 8 11.21 4.19 0.21
CA ARG A 8 11.61 5.26 1.10
C ARG A 8 12.53 6.25 0.43
N TYR A 9 13.51 5.74 -0.30
CA TYR A 9 14.55 6.58 -0.87
C TYR A 9 14.03 7.50 -1.96
N ILE A 10 13.51 6.92 -3.04
CA ILE A 10 13.04 7.76 -4.12
C ILE A 10 11.84 8.58 -3.66
N SER A 11 11.20 8.13 -2.59
CA SER A 11 10.05 8.84 -2.05
C SER A 11 10.48 10.07 -1.27
N GLU A 12 11.71 10.08 -0.77
CA GLU A 12 12.24 11.27 -0.08
C GLU A 12 13.05 12.18 -1.01
N ARG A 13 13.61 11.61 -2.07
CA ARG A 13 14.39 12.41 -3.02
C ARG A 13 13.45 13.24 -3.89
N TYR A 14 12.23 12.73 -4.05
CA TYR A 14 11.20 13.45 -4.79
C TYR A 14 9.95 13.50 -3.94
N PRO A 15 9.85 14.51 -3.06
CA PRO A 15 8.81 14.56 -2.03
C PRO A 15 7.37 14.46 -2.54
N CYS A 16 7.07 15.09 -3.67
CA CYS A 16 5.70 15.11 -4.19
C CYS A 16 5.26 13.76 -4.77
N LEU A 17 6.16 12.80 -4.76
CA LEU A 17 5.97 11.56 -5.49
C LEU A 17 5.02 10.59 -4.81
N SER A 18 5.04 10.57 -3.47
CA SER A 18 4.35 9.52 -2.73
C SER A 18 3.52 10.10 -1.62
N GLU A 19 2.47 9.39 -1.23
CA GLU A 19 1.64 9.87 -0.12
C GLU A 19 0.99 8.75 0.67
N LEU A 20 0.48 9.13 1.84
CA LEU A 20 -0.34 8.25 2.66
C LEU A 20 -1.74 8.82 2.60
N ALA A 21 -2.64 8.15 1.87
CA ALA A 21 -3.98 8.68 1.64
C ALA A 21 -5.03 7.72 2.18
N ARG A 22 -6.26 8.20 2.32
CA ARG A 22 -7.33 7.33 2.82
C ARG A 22 -8.27 6.92 1.69
N GLU A 23 -9.20 6.02 1.97
CA GLU A 23 -10.12 5.51 0.96
C GLU A 23 -10.51 6.54 -0.12
N HIS A 24 -10.98 7.71 0.29
CA HIS A 24 -11.52 8.72 -0.63
C HIS A 24 -10.50 9.49 -1.50
N CYS A 25 -9.24 9.52 -1.10
CA CYS A 25 -8.22 10.20 -1.90
C CYS A 25 -7.64 9.33 -3.03
N ILE A 26 -7.68 8.02 -2.86
CA ILE A 26 -7.26 7.10 -3.91
C ILE A 26 -8.00 7.44 -5.20
N PRO A 27 -7.25 7.73 -6.28
CA PRO A 27 -7.80 8.04 -7.60
C PRO A 27 -8.66 6.92 -8.18
N GLU A 28 -9.53 7.26 -9.12
CA GLU A 28 -10.35 6.27 -9.82
C GLU A 28 -9.50 5.43 -10.77
N PHE A 29 -9.81 4.14 -10.84
CA PHE A 29 -9.01 3.21 -11.63
C PHE A 29 -9.86 2.37 -12.59
N ASP A 30 -9.26 1.93 -13.68
CA ASP A 30 -9.91 0.97 -14.57
C ASP A 30 -9.39 -0.43 -14.28
N ASN A 31 -8.10 -0.56 -14.02
CA ASN A 31 -7.53 -1.87 -13.76
C ASN A 31 -6.85 -2.00 -12.42
N LEU A 32 -7.25 -2.99 -11.61
CA LEU A 32 -6.48 -3.34 -10.41
C LEU A 32 -5.74 -4.68 -10.58
N TYR A 33 -4.42 -4.69 -10.36
CA TYR A 33 -3.63 -5.92 -10.42
C TYR A 33 -3.13 -6.32 -9.03
N LEU A 34 -3.68 -7.42 -8.52
CA LEU A 34 -3.45 -7.86 -7.16
C LEU A 34 -2.55 -9.08 -7.05
N ASP A 35 -1.45 -8.94 -6.32
CA ASP A 35 -0.45 -9.99 -6.19
C ASP A 35 -0.59 -10.69 -4.83
N MET A 36 -0.85 -11.99 -4.86
CA MET A 36 -1.41 -12.71 -3.71
C MET A 36 -0.45 -13.33 -2.71
N ASN A 37 0.77 -13.63 -3.13
CA ASN A 37 1.66 -14.37 -2.26
C ASN A 37 1.89 -13.66 -0.95
N GLY A 38 2.08 -12.34 -1.03
CA GLY A 38 2.14 -11.51 0.15
C GLY A 38 0.94 -11.78 1.05
N ILE A 39 -0.25 -11.49 0.54
CA ILE A 39 -1.49 -11.75 1.28
C ILE A 39 -1.58 -13.17 1.88
N VAL A 40 -1.46 -14.20 1.06
CA VAL A 40 -1.53 -15.56 1.56
C VAL A 40 -0.57 -15.73 2.75
N HIS A 41 0.62 -15.16 2.63
CA HIS A 41 1.57 -15.16 3.73
C HIS A 41 1.02 -14.48 4.99
N ASN A 42 0.41 -13.30 4.83
CA ASN A 42 -0.14 -12.55 5.96
C ASN A 42 -1.24 -13.30 6.67
N CYS A 43 -2.09 -13.95 5.88
CA CYS A 43 -3.26 -14.64 6.42
C CYS A 43 -2.97 -16.03 6.99
N SER A 44 -1.92 -16.67 6.52
CA SER A 44 -1.69 -18.05 6.90
C SER A 44 -0.81 -18.17 8.13
N HIS A 45 0.15 -17.27 8.29
CA HIS A 45 1.11 -17.45 9.38
C HIS A 45 1.71 -16.16 9.92
N PRO A 46 0.87 -15.30 10.49
CA PRO A 46 1.36 -14.09 11.17
C PRO A 46 1.91 -14.40 12.55
N PHE A 53 -0.37 -19.53 18.62
CA PHE A 53 -1.12 -19.07 17.45
C PHE A 53 -1.51 -20.24 16.56
N HIS A 54 -2.77 -20.26 16.12
CA HIS A 54 -3.23 -21.32 15.23
C HIS A 54 -4.51 -21.02 14.46
N LEU A 55 -4.57 -21.50 13.23
CA LEU A 55 -5.77 -21.47 12.39
C LEU A 55 -5.79 -22.73 11.51
N GLU A 56 -6.98 -23.14 11.10
CA GLU A 56 -7.12 -24.26 10.18
C GLU A 56 -7.34 -23.72 8.78
N GLU A 57 -7.17 -24.55 7.77
CA GLU A 57 -7.30 -24.08 6.41
C GLU A 57 -8.54 -23.25 6.21
N GLU A 58 -9.69 -23.78 6.65
CA GLU A 58 -10.93 -23.08 6.47
C GLU A 58 -10.78 -21.64 6.93
N GLN A 59 -10.29 -21.45 8.15
CA GLN A 59 -10.10 -20.11 8.70
C GLN A 59 -9.24 -19.26 7.76
N ILE A 60 -8.04 -19.74 7.49
CA ILE A 60 -7.10 -19.03 6.63
C ILE A 60 -7.75 -18.57 5.32
N PHE A 61 -8.32 -19.50 4.57
CA PHE A 61 -8.96 -19.17 3.30
C PHE A 61 -9.96 -18.07 3.54
N GLN A 62 -10.82 -18.26 4.52
CA GLN A 62 -11.81 -17.25 4.85
C GLN A 62 -11.18 -15.88 4.92
N GLU A 63 -10.08 -15.76 5.67
CA GLU A 63 -9.41 -14.47 5.84
C GLU A 63 -8.81 -13.92 4.54
N ILE A 64 -8.21 -14.78 3.73
CA ILE A 64 -7.67 -14.36 2.43
C ILE A 64 -8.79 -13.76 1.58
N PHE A 65 -9.85 -14.54 1.43
CA PHE A 65 -11.06 -14.09 0.77
C PHE A 65 -11.43 -12.70 1.26
N ASN A 66 -11.55 -12.56 2.59
CA ASN A 66 -11.84 -11.26 3.20
C ASN A 66 -10.90 -10.17 2.67
N TYR A 67 -9.60 -10.32 2.93
CA TYR A 67 -8.57 -9.46 2.36
C TYR A 67 -8.92 -8.95 0.96
N VAL A 68 -9.02 -9.89 0.03
CA VAL A 68 -9.44 -9.57 -1.33
C VAL A 68 -10.70 -8.70 -1.33
N ASP A 69 -11.74 -9.12 -0.62
CA ASP A 69 -13.01 -8.40 -0.62
C ASP A 69 -12.85 -6.94 -0.24
N LYS A 70 -12.08 -6.69 0.81
CA LYS A 70 -11.86 -5.34 1.30
C LYS A 70 -11.00 -4.50 0.35
N LEU A 71 -10.03 -5.14 -0.29
CA LEU A 71 -9.20 -4.43 -1.28
C LEU A 71 -10.01 -3.99 -2.50
N PHE A 72 -10.77 -4.92 -3.06
CA PHE A 72 -11.62 -4.62 -4.19
C PHE A 72 -12.66 -3.59 -3.78
N TYR A 73 -13.14 -3.68 -2.54
CA TYR A 73 -14.15 -2.75 -2.05
C TYR A 73 -13.59 -1.33 -1.98
N LEU A 74 -12.35 -1.20 -1.53
CA LEU A 74 -11.73 0.10 -1.33
C LEU A 74 -11.22 0.74 -2.62
N ILE A 75 -10.79 -0.07 -3.58
CA ILE A 75 -10.17 0.51 -4.77
C ILE A 75 -11.12 0.64 -5.96
N LYS A 76 -12.20 -0.15 -5.94
CA LYS A 76 -13.24 -0.09 -6.97
C LYS A 76 -12.72 0.03 -8.41
N PRO A 77 -11.99 -0.98 -8.89
CA PRO A 77 -11.52 -0.95 -10.27
C PRO A 77 -12.68 -0.96 -11.27
N GLN A 78 -12.81 0.10 -12.04
CA GLN A 78 -13.93 0.27 -12.96
C GLN A 78 -14.04 -0.78 -14.06
N ARG A 79 -12.92 -1.23 -14.61
CA ARG A 79 -12.97 -2.15 -15.77
C ARG A 79 -12.45 -3.57 -15.53
N LEU A 80 -11.23 -3.69 -15.03
CA LEU A 80 -10.62 -5.00 -14.88
C LEU A 80 -10.10 -5.25 -13.48
N PHE A 81 -10.22 -6.48 -13.03
CA PHE A 81 -9.63 -6.93 -11.77
C PHE A 81 -8.82 -8.19 -12.04
N PHE A 82 -7.51 -8.02 -12.15
CA PHE A 82 -6.61 -9.14 -12.38
C PHE A 82 -5.91 -9.54 -11.09
N LEU A 83 -6.35 -10.63 -10.47
CA LEU A 83 -5.60 -11.15 -9.33
C LEU A 83 -4.73 -12.35 -9.74
N SER A 84 -3.47 -12.30 -9.34
CA SER A 84 -2.43 -13.21 -9.83
C SER A 84 -1.59 -13.88 -8.75
N VAL A 85 -1.78 -15.17 -8.54
CA VAL A 85 -0.96 -15.95 -7.61
C VAL A 85 0.31 -16.50 -8.27
N ASP A 86 1.44 -16.41 -7.56
CA ASP A 86 2.71 -16.95 -8.08
C ASP A 86 2.57 -18.41 -8.51
N GLY A 87 2.99 -18.70 -9.74
CA GLY A 87 3.00 -20.06 -10.25
C GLY A 87 4.42 -20.55 -10.40
N VAL A 88 4.62 -21.68 -11.08
CA VAL A 88 5.98 -22.19 -11.28
C VAL A 88 6.80 -21.19 -12.10
N ALA A 89 7.91 -20.75 -11.53
CA ALA A 89 8.72 -19.69 -12.12
C ALA A 89 10.03 -20.21 -12.72
N PRO A 90 10.68 -19.40 -13.57
CA PRO A 90 11.92 -19.73 -14.28
C PRO A 90 13.02 -20.14 -13.31
N ARG A 91 14.01 -20.89 -13.76
CA ARG A 91 15.08 -21.33 -12.88
C ARG A 91 15.80 -20.18 -12.20
N ALA A 92 16.04 -19.12 -12.96
CA ALA A 92 16.72 -17.95 -12.45
C ALA A 92 16.17 -17.56 -11.07
N LYS A 93 14.84 -17.51 -10.96
CA LYS A 93 14.18 -17.19 -9.70
C LYS A 93 14.24 -18.37 -8.76
N MET A 94 13.89 -19.54 -9.26
CA MET A 94 13.85 -20.78 -8.48
C MET A 94 15.04 -20.97 -7.58
N ASN A 95 16.24 -20.62 -8.06
CA ASN A 95 17.41 -20.74 -7.21
C ASN A 95 17.24 -19.97 -5.90
N GLN A 96 16.79 -18.71 -6.04
CA GLN A 96 16.52 -17.84 -4.92
C GLN A 96 15.33 -18.30 -4.09
N GLN A 97 14.24 -18.64 -4.75
CA GLN A 97 13.10 -19.23 -4.07
C GLN A 97 13.60 -20.33 -3.13
N ARG A 98 14.42 -21.22 -3.67
CA ARG A 98 15.02 -22.29 -2.90
C ARG A 98 15.83 -21.78 -1.71
N SER A 99 16.64 -20.75 -1.95
CA SER A 99 17.39 -20.16 -0.84
C SER A 99 16.44 -19.76 0.30
N ARG A 100 15.42 -18.98 -0.04
CA ARG A 100 14.42 -18.56 0.94
C ARG A 100 13.72 -19.74 1.64
N ARG A 101 13.51 -20.85 0.92
CA ARG A 101 12.94 -22.04 1.57
C ARG A 101 13.86 -22.59 2.63
N PHE A 102 15.10 -22.87 2.24
CA PHE A 102 16.08 -23.38 3.19
C PHE A 102 16.19 -22.48 4.42
N ARG A 103 16.34 -21.18 4.18
CA ARG A 103 16.30 -20.20 5.24
C ARG A 103 15.11 -20.47 6.16
N THR A 104 13.90 -20.29 5.63
CA THR A 104 12.70 -20.41 6.47
C THR A 104 12.64 -21.73 7.25
N ALA A 105 13.15 -22.82 6.67
CA ALA A 105 13.14 -24.10 7.37
C ALA A 105 14.05 -24.05 8.58
N ARG A 106 15.27 -23.55 8.38
CA ARG A 106 16.21 -23.46 9.50
C ARG A 106 15.83 -22.40 10.54
N GLU A 107 15.42 -21.22 10.09
CA GLU A 107 14.95 -20.19 11.00
C GLU A 107 13.80 -20.76 11.79
N ALA A 108 12.97 -21.56 11.13
CA ALA A 108 11.88 -22.23 11.82
C ALA A 108 12.38 -23.13 12.94
N GLU A 109 13.29 -24.06 12.63
CA GLU A 109 13.82 -24.94 13.67
C GLU A 109 14.46 -24.15 14.83
N GLN A 110 15.20 -23.11 14.49
CA GLN A 110 15.85 -22.29 15.49
C GLN A 110 14.82 -21.66 16.44
N GLN A 111 13.81 -21.02 15.87
CA GLN A 111 12.74 -20.42 16.69
C GLN A 111 11.91 -21.44 17.49
N GLU A 112 11.78 -22.66 16.98
CA GLU A 112 11.13 -23.73 17.74
C GLU A 112 12.05 -24.17 18.87
N ALA A 113 13.33 -23.86 18.74
CA ALA A 113 14.31 -24.21 19.77
C ALA A 113 14.02 -23.49 21.09
N LYS A 114 13.32 -22.36 21.01
CA LYS A 114 12.93 -21.64 22.22
C LYS A 114 11.94 -22.46 23.03
N ALA A 115 11.28 -23.40 22.34
CA ALA A 115 10.37 -24.34 22.97
C ALA A 115 11.17 -25.38 23.77
N ALA A 116 12.40 -25.62 23.31
CA ALA A 116 13.35 -26.50 23.99
C ALA A 116 13.89 -25.77 25.20
N GLN A 117 14.10 -24.47 25.04
CA GLN A 117 14.50 -23.63 26.15
C GLN A 117 13.41 -23.73 27.21
N ARG A 118 12.17 -23.86 26.75
CA ARG A 118 11.03 -23.91 27.66
C ARG A 118 9.88 -24.71 27.08
N ARG A 126 2.19 -27.47 13.70
CA ARG A 126 2.45 -26.05 13.46
C ARG A 126 2.77 -25.74 11.99
N PHE A 127 2.05 -24.75 11.46
CA PHE A 127 1.93 -24.48 10.02
C PHE A 127 3.23 -24.24 9.26
N ASP A 128 3.66 -25.23 8.48
CA ASP A 128 4.79 -25.06 7.58
C ASP A 128 4.41 -24.03 6.53
N SER A 129 5.25 -23.00 6.35
CA SER A 129 4.91 -21.95 5.40
C SER A 129 5.46 -22.24 4.02
N ASN A 130 6.48 -23.09 3.94
CA ASN A 130 7.07 -23.45 2.66
C ASN A 130 6.09 -24.13 1.72
N CYS A 131 4.82 -24.20 2.12
CA CYS A 131 3.76 -24.77 1.29
C CYS A 131 3.08 -23.69 0.46
N ILE A 132 3.67 -22.50 0.50
CA ILE A 132 3.13 -21.38 -0.26
C ILE A 132 3.62 -21.44 -1.70
N THR A 133 4.40 -22.48 -1.99
CA THR A 133 4.86 -22.73 -3.34
C THR A 133 3.84 -23.57 -4.11
N PRO A 134 3.82 -23.44 -5.44
CA PRO A 134 2.89 -24.20 -6.29
C PRO A 134 3.10 -25.71 -6.18
N GLY A 135 2.06 -26.48 -6.46
CA GLY A 135 2.15 -27.92 -6.47
C GLY A 135 1.77 -28.56 -5.15
N THR A 136 1.80 -27.76 -4.09
CA THR A 136 1.45 -28.25 -2.76
C THR A 136 -0.06 -28.35 -2.62
N GLU A 137 -0.52 -29.38 -1.92
CA GLU A 137 -1.96 -29.62 -1.76
C GLU A 137 -2.65 -28.38 -1.21
N PHE A 138 -1.94 -27.68 -0.34
CA PHE A 138 -2.40 -26.41 0.19
C PHE A 138 -2.83 -25.51 -0.95
N MET A 139 -1.85 -25.06 -1.72
CA MET A 139 -2.07 -24.09 -2.80
C MET A 139 -3.16 -24.51 -3.76
N VAL A 140 -3.34 -25.81 -3.95
CA VAL A 140 -4.36 -26.31 -4.85
C VAL A 140 -5.74 -26.07 -4.25
N ARG A 141 -5.91 -26.52 -3.01
CA ARG A 141 -7.14 -26.25 -2.28
C ARG A 141 -7.45 -24.75 -2.30
N LEU A 142 -6.42 -23.93 -2.08
CA LEU A 142 -6.58 -22.49 -2.15
C LEU A 142 -7.11 -22.05 -3.51
N GLN A 143 -6.49 -22.53 -4.57
CA GLN A 143 -6.96 -22.25 -5.92
C GLN A 143 -8.46 -22.51 -6.06
N GLU A 144 -8.86 -23.73 -5.72
CA GLU A 144 -10.28 -24.08 -5.74
C GLU A 144 -11.09 -23.02 -4.99
N GLY A 145 -10.84 -22.89 -3.69
CA GLY A 145 -11.59 -21.97 -2.86
C GLY A 145 -11.65 -20.57 -3.44
N LEU A 146 -10.63 -20.21 -4.20
CA LEU A 146 -10.55 -18.89 -4.79
C LEU A 146 -11.52 -18.75 -5.96
N ARG A 147 -11.48 -19.69 -6.89
CA ARG A 147 -12.45 -19.67 -7.97
C ARG A 147 -13.86 -19.64 -7.37
N ALA A 148 -14.09 -20.50 -6.38
CA ALA A 148 -15.39 -20.53 -5.71
C ALA A 148 -15.74 -19.14 -5.18
N PHE A 149 -14.73 -18.45 -4.64
CA PHE A 149 -14.96 -17.14 -4.03
C PHE A 149 -15.32 -16.08 -5.04
N LEU A 150 -14.57 -16.03 -6.13
CA LEU A 150 -14.87 -15.12 -7.23
C LEU A 150 -16.28 -15.37 -7.71
N LYS A 151 -16.62 -16.64 -7.92
CA LYS A 151 -17.95 -16.98 -8.41
C LYS A 151 -19.05 -16.49 -7.46
N THR A 152 -18.92 -16.80 -6.17
CA THR A 152 -19.90 -16.31 -5.20
C THR A 152 -19.97 -14.79 -5.23
N LYS A 153 -18.86 -14.13 -4.94
CA LYS A 153 -18.84 -12.67 -4.85
C LYS A 153 -19.43 -12.00 -6.08
N ILE A 154 -18.91 -12.31 -7.25
CA ILE A 154 -19.40 -11.70 -8.49
C ILE A 154 -20.87 -12.04 -8.73
N SER A 155 -21.26 -13.24 -8.32
CA SER A 155 -22.61 -13.73 -8.58
C SER A 155 -23.66 -13.08 -7.68
N THR A 156 -23.23 -12.65 -6.49
CA THR A 156 -24.16 -12.13 -5.50
C THR A 156 -24.03 -10.63 -5.36
N ASP A 157 -22.80 -10.15 -5.29
CA ASP A 157 -22.52 -8.74 -5.08
C ASP A 157 -22.72 -7.92 -6.35
N PRO A 158 -23.52 -6.86 -6.26
CA PRO A 158 -23.83 -5.99 -7.40
C PRO A 158 -22.62 -5.16 -7.81
N LEU A 159 -21.66 -5.04 -6.91
CA LEU A 159 -20.49 -4.21 -7.13
C LEU A 159 -19.40 -4.95 -7.92
N TRP A 160 -19.51 -6.28 -7.97
CA TRP A 160 -18.57 -7.07 -8.73
C TRP A 160 -19.16 -7.47 -10.08
N GLN A 161 -20.13 -6.73 -10.58
CA GLN A 161 -20.89 -7.17 -11.75
C GLN A 161 -20.62 -6.37 -13.02
N ARG A 162 -20.12 -5.14 -12.87
CA ARG A 162 -19.79 -4.32 -14.03
C ARG A 162 -18.33 -4.50 -14.39
N CYS A 163 -17.61 -5.21 -13.53
CA CYS A 163 -16.20 -5.47 -13.68
C CYS A 163 -15.98 -6.76 -14.47
N THR A 164 -14.79 -6.91 -15.07
CA THR A 164 -14.35 -8.19 -15.62
C THR A 164 -13.30 -8.72 -14.67
N VAL A 165 -13.36 -10.00 -14.31
CA VAL A 165 -12.35 -10.51 -13.39
C VAL A 165 -11.48 -11.63 -13.96
N ILE A 166 -10.17 -11.55 -13.74
CA ILE A 166 -9.25 -12.59 -14.21
C ILE A 166 -8.40 -13.15 -13.08
N LEU A 167 -8.46 -14.47 -12.89
CA LEU A 167 -7.62 -15.11 -11.89
C LEU A 167 -6.50 -15.89 -12.56
N SER A 168 -5.28 -15.75 -12.03
CA SER A 168 -4.17 -16.55 -12.51
C SER A 168 -3.52 -17.30 -11.35
N GLY A 169 -3.83 -18.59 -11.22
CA GLY A 169 -3.47 -19.34 -10.04
C GLY A 169 -2.07 -19.94 -10.03
N GLN A 170 -1.79 -20.77 -9.03
CA GLN A 170 -0.54 -21.52 -9.01
C GLN A 170 -0.53 -22.45 -10.21
N GLU A 171 -1.72 -22.80 -10.68
CA GLU A 171 -1.87 -23.59 -11.90
C GLU A 171 -0.99 -23.06 -13.02
N ALA A 172 -1.28 -21.82 -13.43
CA ALA A 172 -0.56 -21.15 -14.49
C ALA A 172 0.81 -20.73 -14.01
N PRO A 173 1.85 -21.12 -14.76
CA PRO A 173 3.25 -20.84 -14.43
C PRO A 173 3.61 -19.36 -14.56
N GLY A 174 4.63 -18.95 -13.81
CA GLY A 174 5.12 -17.59 -13.88
C GLY A 174 4.80 -16.80 -12.63
N GLU A 175 5.74 -15.96 -12.19
CA GLU A 175 5.53 -15.11 -11.02
C GLU A 175 4.26 -14.29 -11.20
N GLY A 176 3.50 -14.13 -10.12
CA GLY A 176 2.30 -13.32 -10.18
C GLY A 176 2.58 -11.97 -10.83
N GLU A 177 3.53 -11.24 -10.25
CA GLU A 177 3.91 -9.93 -10.74
C GLU A 177 4.22 -9.93 -12.23
N HIS A 178 4.70 -11.05 -12.76
CA HIS A 178 5.12 -11.10 -14.16
C HIS A 178 4.02 -11.59 -15.08
N LYS A 179 3.08 -12.35 -14.54
CA LYS A 179 1.91 -12.72 -15.31
C LYS A 179 1.12 -11.45 -15.53
N ILE A 180 1.04 -10.63 -14.47
CA ILE A 180 0.45 -9.30 -14.60
C ILE A 180 1.09 -8.54 -15.77
N MET A 181 2.43 -8.45 -15.73
CA MET A 181 3.18 -7.78 -16.78
C MET A 181 2.77 -8.27 -18.16
N ASP A 182 2.77 -9.59 -18.33
CA ASP A 182 2.44 -10.18 -19.62
C ASP A 182 1.04 -9.75 -20.07
N TYR A 183 0.09 -9.78 -19.14
CA TYR A 183 -1.27 -9.41 -19.52
C TYR A 183 -1.32 -7.95 -19.94
N ILE A 184 -0.48 -7.13 -19.31
CA ILE A 184 -0.41 -5.71 -19.67
C ILE A 184 0.12 -5.50 -21.09
N ARG A 185 1.22 -6.16 -21.44
CA ARG A 185 1.78 -6.04 -22.79
C ARG A 185 0.78 -6.55 -23.84
N TYR A 186 0.18 -7.69 -23.54
CA TYR A 186 -0.89 -8.24 -24.37
C TYR A 186 -1.96 -7.20 -24.58
N MET A 187 -2.27 -6.46 -23.51
CA MET A 187 -3.32 -5.46 -23.56
C MET A 187 -2.95 -4.35 -24.52
N LYS A 188 -1.74 -3.81 -24.37
CA LYS A 188 -1.29 -2.72 -25.23
C LYS A 188 -1.34 -3.14 -26.70
N THR A 189 -1.10 -4.43 -26.93
CA THR A 189 -1.13 -4.99 -28.28
C THR A 189 -2.46 -4.79 -28.98
N GLN A 190 -3.56 -4.97 -28.25
CA GLN A 190 -4.89 -4.92 -28.83
C GLN A 190 -5.20 -3.58 -29.50
N PRO A 191 -5.91 -3.64 -30.63
CA PRO A 191 -6.18 -2.51 -31.53
C PRO A 191 -6.96 -1.36 -30.89
N ASP A 192 -8.16 -1.64 -30.39
CA ASP A 192 -9.00 -0.60 -29.82
C ASP A 192 -8.77 -0.50 -28.32
N TYR A 193 -7.49 -0.42 -27.94
CA TYR A 193 -7.08 -0.34 -26.55
C TYR A 193 -6.89 1.10 -26.13
N ASP A 194 -7.31 1.40 -24.90
CA ASP A 194 -7.31 2.76 -24.38
C ASP A 194 -5.95 3.15 -23.80
N PRO A 195 -5.29 4.11 -24.47
CA PRO A 195 -3.94 4.58 -24.12
C PRO A 195 -3.93 5.31 -22.78
N ASN A 196 -5.12 5.62 -22.26
CA ASN A 196 -5.25 6.42 -21.05
C ASN A 196 -5.64 5.61 -19.82
N THR A 197 -5.80 4.29 -19.98
CA THR A 197 -6.27 3.41 -18.90
C THR A 197 -5.49 3.57 -17.61
N ARG A 198 -6.20 3.78 -16.51
CA ARG A 198 -5.53 4.04 -15.25
C ARG A 198 -5.23 2.78 -14.45
N HIS A 199 -3.96 2.36 -14.47
CA HIS A 199 -3.54 1.13 -13.84
C HIS A 199 -3.14 1.30 -12.38
N CYS A 200 -3.59 0.37 -11.55
CA CYS A 200 -3.20 0.33 -10.15
C CYS A 200 -2.61 -1.04 -9.83
N LEU A 201 -1.39 -1.05 -9.28
CA LEU A 201 -0.72 -2.31 -8.99
C LEU A 201 -0.40 -2.44 -7.49
N TYR A 202 -0.86 -3.53 -6.89
CA TYR A 202 -0.70 -3.73 -5.44
C TYR A 202 0.72 -4.16 -5.06
N GLY A 203 1.39 -3.36 -4.24
CA GLY A 203 2.77 -3.62 -3.86
C GLY A 203 3.64 -2.38 -3.85
N LEU A 204 4.77 -2.42 -3.12
CA LEU A 204 5.63 -1.25 -2.97
C LEU A 204 7.11 -1.53 -3.22
N ASP A 205 7.49 -2.80 -3.27
CA ASP A 205 8.89 -3.14 -3.45
C ASP A 205 9.42 -2.63 -4.79
N ALA A 206 10.73 -2.54 -4.89
CA ALA A 206 11.38 -1.97 -6.06
C ALA A 206 10.91 -2.61 -7.35
N ALA A 207 10.85 -3.93 -7.37
CA ALA A 207 10.51 -4.66 -8.59
C ALA A 207 9.23 -4.16 -9.25
N LEU A 208 8.22 -3.82 -8.44
CA LEU A 208 6.92 -3.40 -8.94
C LEU A 208 6.91 -1.94 -9.40
N ILE A 209 7.66 -1.11 -8.70
CA ILE A 209 7.90 0.24 -9.17
C ILE A 209 8.55 0.17 -10.54
N ILE A 210 9.79 -0.33 -10.59
CA ILE A 210 10.48 -0.53 -11.86
C ILE A 210 9.58 -1.13 -12.93
N LEU A 211 8.83 -2.18 -12.57
CA LEU A 211 7.92 -2.85 -13.49
C LEU A 211 6.92 -1.87 -14.10
N GLY A 212 6.06 -1.29 -13.27
CA GLY A 212 5.04 -0.37 -13.75
C GLY A 212 5.62 0.82 -14.48
N LEU A 213 6.83 1.20 -14.09
CA LEU A 213 7.51 2.33 -14.71
C LEU A 213 7.94 1.98 -16.12
N CYS A 214 8.24 0.70 -16.34
CA CYS A 214 8.74 0.28 -17.65
C CYS A 214 7.65 -0.17 -18.61
N THR A 215 6.40 -0.22 -18.13
CA THR A 215 5.29 -0.55 -19.00
C THR A 215 5.13 0.62 -19.94
N HIS A 216 5.73 1.74 -19.55
CA HIS A 216 5.59 3.00 -20.26
C HIS A 216 4.13 3.45 -20.31
N GLU A 217 3.40 3.07 -19.27
CA GLU A 217 2.03 3.52 -19.11
C GLU A 217 1.98 4.81 -18.30
N LEU A 218 1.09 5.70 -18.73
CA LEU A 218 1.00 7.06 -18.22
C LEU A 218 0.33 7.14 -16.86
N HIS A 219 -0.85 6.55 -16.75
CA HIS A 219 -1.59 6.61 -15.49
C HIS A 219 -1.41 5.28 -14.78
N PHE A 220 -0.30 5.17 -14.05
CA PHE A 220 0.06 3.96 -13.36
C PHE A 220 0.39 4.30 -11.91
N VAL A 221 -0.31 3.66 -10.99
CA VAL A 221 -0.08 3.92 -9.58
C VAL A 221 0.34 2.64 -8.84
N VAL A 222 1.22 2.80 -7.87
CA VAL A 222 1.59 1.67 -7.03
C VAL A 222 1.06 1.88 -5.60
N LEU A 223 0.45 0.86 -4.99
CA LEU A 223 -0.08 1.09 -3.66
C LEU A 223 -0.21 -0.14 -2.76
N ARG A 224 -0.16 0.10 -1.46
CA ARG A 224 -0.29 -0.97 -0.47
C ARG A 224 -0.84 -0.35 0.81
N GLU A 225 -1.66 -1.11 1.55
CA GLU A 225 -2.24 -0.57 2.77
C GLU A 225 -1.15 -0.31 3.81
N GLU A 226 -1.43 0.59 4.74
CA GLU A 226 -0.42 1.01 5.69
C GLU A 226 -0.06 -0.12 6.65
N VAL A 227 -1.10 -0.69 7.25
CA VAL A 227 -0.98 -1.70 8.26
C VAL A 227 -1.61 -2.94 7.69
N LYS A 228 -0.98 -4.07 7.93
CA LYS A 228 -1.56 -5.31 7.49
C LYS A 228 -2.82 -5.19 8.31
N PHE A 229 -3.85 -5.87 7.85
CA PHE A 229 -5.18 -5.83 8.39
C PHE A 229 -5.08 -6.46 9.74
N GLY A 230 -3.85 -6.88 10.06
CA GLY A 230 -3.54 -7.55 11.31
C GLY A 230 -3.82 -6.75 12.55
N ARG A 231 -3.41 -5.48 12.57
CA ARG A 231 -3.71 -4.63 13.72
C ARG A 231 -5.20 -4.34 13.74
N ASN A 232 -5.97 -5.39 14.01
CA ASN A 232 -7.40 -5.27 14.19
C ASN A 232 -7.70 -5.35 15.67
N VAL A 233 -6.64 -5.44 16.46
CA VAL A 233 -6.76 -5.41 17.92
C VAL A 233 -6.66 -3.96 18.38
N LYS A 234 -6.77 -3.05 17.42
CA LYS A 234 -6.82 -1.62 17.70
C LYS A 234 -8.13 -1.07 17.13
N ARG A 235 -9.01 -1.99 16.77
CA ARG A 235 -10.34 -1.67 16.25
C ARG A 235 -10.36 -0.61 15.16
N THR A 236 -9.93 -0.99 13.96
CA THR A 236 -9.95 -0.11 12.79
C THR A 236 -11.03 -0.51 11.79
N SER A 237 -11.90 0.45 11.46
CA SER A 237 -12.92 0.25 10.45
C SER A 237 -12.23 0.04 9.10
N VAL A 238 -12.90 -0.64 8.18
CA VAL A 238 -12.34 -0.80 6.84
C VAL A 238 -12.07 0.57 6.24
N GLU A 239 -13.05 1.46 6.33
CA GLU A 239 -12.98 2.77 5.71
C GLU A 239 -11.88 3.63 6.33
N GLU A 240 -11.39 3.21 7.49
CA GLU A 240 -10.36 3.96 8.20
C GLU A 240 -8.98 3.65 7.65
N THR A 241 -8.84 2.47 7.03
CA THR A 241 -7.55 2.05 6.49
C THR A 241 -7.10 2.95 5.37
N ARG A 242 -5.82 3.27 5.38
CA ARG A 242 -5.24 4.10 4.35
C ARG A 242 -4.15 3.36 3.61
N PHE A 243 -3.72 3.92 2.49
CA PHE A 243 -2.73 3.31 1.64
C PHE A 243 -1.56 4.24 1.41
N PHE A 244 -0.38 3.64 1.35
CA PHE A 244 0.77 4.28 0.76
C PHE A 244 0.60 4.14 -0.74
N LEU A 245 0.71 5.24 -1.46
CA LEU A 245 0.70 5.20 -2.92
C LEU A 245 1.77 6.06 -3.59
N LEU A 246 2.25 5.57 -4.73
CA LEU A 246 3.34 6.15 -5.51
C LEU A 246 2.76 6.50 -6.88
N HIS A 247 3.05 7.69 -7.37
CA HIS A 247 2.58 8.11 -8.69
C HIS A 247 3.69 8.02 -9.73
N LEU A 248 3.64 6.99 -10.55
CA LEU A 248 4.65 6.82 -11.60
C LEU A 248 4.69 8.03 -12.54
N GLY A 249 3.53 8.55 -12.91
CA GLY A 249 3.44 9.74 -13.73
C GLY A 249 4.34 10.87 -13.24
N LEU A 250 4.46 11.01 -11.93
CA LEU A 250 5.35 12.00 -11.37
C LEU A 250 6.78 11.48 -11.40
N LEU A 251 6.97 10.21 -11.07
CA LEU A 251 8.31 9.63 -11.06
C LEU A 251 9.03 9.98 -12.36
N ARG A 252 8.33 9.78 -13.47
CA ARG A 252 8.85 10.13 -14.77
C ARG A 252 9.35 11.58 -14.77
N GLU A 253 8.47 12.51 -14.39
CA GLU A 253 8.82 13.93 -14.44
C GLU A 253 10.00 14.29 -13.53
N TYR A 254 10.14 13.56 -12.44
CA TYR A 254 11.25 13.77 -11.51
C TYR A 254 12.57 13.28 -12.08
N LEU A 255 12.52 12.20 -12.87
CA LEU A 255 13.72 11.75 -13.56
C LEU A 255 14.07 12.73 -14.67
N GLU A 256 13.05 13.14 -15.42
CA GLU A 256 13.25 14.15 -16.46
C GLU A 256 13.94 15.33 -15.82
N LEU A 257 13.64 15.56 -14.54
CA LEU A 257 14.27 16.63 -13.81
C LEU A 257 15.72 16.32 -13.42
N GLU A 258 15.97 15.09 -12.97
CA GLU A 258 17.29 14.72 -12.50
C GLU A 258 18.35 14.72 -13.61
N PHE A 259 17.99 14.16 -14.76
CA PHE A 259 18.96 14.11 -15.86
C PHE A 259 18.84 15.31 -16.79
N ASP A 260 18.41 16.44 -16.27
CA ASP A 260 18.30 17.64 -17.08
C ASP A 260 19.65 18.03 -17.69
N ALA A 261 20.72 17.65 -17.01
CA ALA A 261 22.08 17.97 -17.46
C ALA A 261 22.42 17.31 -18.80
N LEU A 262 21.75 16.21 -19.12
CA LEU A 262 21.91 15.55 -20.41
C LEU A 262 21.35 16.35 -21.59
N ARG A 263 20.55 17.38 -21.31
CA ARG A 263 20.07 18.24 -22.39
C ARG A 263 21.24 19.01 -22.99
N THR A 264 21.24 19.14 -24.31
CA THR A 264 22.33 19.85 -25.00
C THR A 264 21.77 21.08 -25.72
N ASP A 265 20.52 20.98 -26.14
CA ASP A 265 19.82 22.07 -26.79
C ASP A 265 18.66 22.50 -25.93
N GLU A 266 17.80 23.35 -26.46
CA GLU A 266 16.66 23.86 -25.72
C GLU A 266 15.43 22.99 -25.89
N HIS A 267 15.58 21.68 -25.74
CA HIS A 267 14.41 20.80 -25.91
C HIS A 267 14.46 19.52 -25.09
N LYS A 268 13.26 19.05 -24.73
CA LYS A 268 13.09 17.87 -23.89
C LYS A 268 13.86 16.67 -24.40
N LEU A 269 14.35 15.87 -23.46
CA LEU A 269 15.03 14.62 -23.78
C LEU A 269 13.97 13.56 -24.09
N ASP A 270 14.39 12.46 -24.69
CA ASP A 270 13.46 11.41 -25.03
C ASP A 270 13.17 10.57 -23.79
N ILE A 271 12.01 10.78 -23.20
CA ILE A 271 11.70 10.15 -21.93
C ILE A 271 11.60 8.63 -22.05
N ALA A 272 11.11 8.12 -23.17
CA ALA A 272 11.09 6.67 -23.32
C ALA A 272 12.51 6.17 -23.20
N GLN A 273 13.42 6.86 -23.90
CA GLN A 273 14.82 6.48 -23.92
C GLN A 273 15.39 6.51 -22.52
N LEU A 274 15.15 7.60 -21.80
CA LEU A 274 15.70 7.82 -20.47
C LEU A 274 15.17 6.85 -19.40
N ILE A 275 13.86 6.68 -19.38
CA ILE A 275 13.24 5.68 -18.54
C ILE A 275 13.89 4.33 -18.76
N ASP A 276 14.04 3.92 -20.02
CA ASP A 276 14.66 2.62 -20.24
C ASP A 276 15.97 2.47 -19.48
N ASP A 277 16.89 3.41 -19.70
CA ASP A 277 18.16 3.38 -19.00
C ASP A 277 18.03 3.40 -17.46
N TRP A 278 17.00 4.09 -16.95
CA TRP A 278 16.77 4.16 -15.51
C TRP A 278 16.26 2.83 -14.94
N VAL A 279 15.40 2.17 -15.70
CA VAL A 279 15.04 0.79 -15.43
C VAL A 279 16.33 0.02 -15.27
N LEU A 280 17.26 0.23 -16.20
CA LEU A 280 18.54 -0.47 -16.10
C LEU A 280 19.24 -0.19 -14.76
N MET A 281 19.43 1.08 -14.41
CA MET A 281 20.06 1.40 -13.13
C MET A 281 19.35 0.66 -11.97
N GLY A 282 18.03 0.84 -11.88
CA GLY A 282 17.24 0.18 -10.87
C GLY A 282 17.56 -1.30 -10.77
N PHE A 283 17.70 -1.94 -11.92
CA PHE A 283 18.13 -3.34 -11.96
C PHE A 283 19.53 -3.53 -11.39
N LEU A 284 20.43 -2.57 -11.61
CA LEU A 284 21.78 -2.70 -11.07
C LEU A 284 21.80 -2.65 -9.54
N VAL A 285 21.02 -1.73 -8.97
CA VAL A 285 20.92 -1.61 -7.52
C VAL A 285 20.71 -2.96 -6.84
N GLY A 286 20.11 -3.89 -7.57
CA GLY A 286 19.95 -5.23 -7.05
C GLY A 286 18.60 -5.80 -7.40
N ASN A 287 18.60 -7.03 -7.89
CA ASN A 287 17.36 -7.71 -8.24
C ASN A 287 17.42 -9.14 -7.78
N ASP A 288 16.31 -9.85 -7.96
CA ASP A 288 16.21 -11.20 -7.43
C ASP A 288 17.08 -12.20 -8.19
N PHE A 289 17.22 -12.00 -9.50
CA PHE A 289 17.77 -13.04 -10.38
C PHE A 289 19.29 -13.05 -10.50
N ILE A 290 19.95 -12.09 -9.86
CA ILE A 290 21.40 -12.06 -9.83
C ILE A 290 21.87 -11.66 -8.43
N PRO A 291 23.05 -12.14 -8.02
CA PRO A 291 23.61 -11.63 -6.76
C PRO A 291 23.79 -10.12 -6.81
N HIS A 292 23.65 -9.46 -5.65
CA HIS A 292 23.78 -8.02 -5.56
C HIS A 292 25.24 -7.60 -5.54
N LEU A 293 25.56 -6.49 -6.19
CA LEU A 293 26.91 -5.93 -6.12
C LEU A 293 27.12 -5.27 -4.78
N PRO A 294 28.15 -5.70 -4.04
CA PRO A 294 28.40 -5.13 -2.71
C PRO A 294 28.44 -3.61 -2.74
N CYS A 295 28.98 -3.04 -3.81
CA CYS A 295 29.19 -1.60 -3.91
C CYS A 295 27.94 -0.82 -4.35
N LEU A 296 26.78 -1.46 -4.28
CA LEU A 296 25.53 -0.79 -4.64
C LEU A 296 24.38 -1.18 -3.72
N HIS A 297 24.14 -0.32 -2.73
CA HIS A 297 22.97 -0.41 -1.88
C HIS A 297 22.35 0.98 -1.85
N ILE A 298 21.03 1.04 -1.84
CA ILE A 298 20.33 2.32 -1.82
C ILE A 298 20.75 3.22 -0.68
N SER A 299 20.76 2.67 0.52
CA SER A 299 21.21 3.43 1.67
C SER A 299 22.59 3.98 1.34
N SER A 300 23.34 3.22 0.56
CA SER A 300 24.72 3.57 0.21
C SER A 300 24.82 4.66 -0.86
N ASN A 301 23.70 5.29 -1.22
CA ASN A 301 23.69 6.37 -2.18
C ASN A 301 23.87 5.87 -3.61
N ALA A 302 23.50 4.62 -3.85
CA ALA A 302 23.67 3.97 -5.16
C ALA A 302 23.10 4.76 -6.34
N LEU A 303 21.81 5.04 -6.30
CA LEU A 303 21.15 5.78 -7.35
C LEU A 303 21.89 7.05 -7.76
N PRO A 304 22.22 7.91 -6.79
CA PRO A 304 23.00 9.12 -7.08
C PRO A 304 24.30 8.79 -7.80
N LEU A 305 24.95 7.71 -7.40
CA LEU A 305 26.23 7.33 -8.00
C LEU A 305 26.07 6.86 -9.44
N LEU A 306 25.05 6.04 -9.70
CA LEU A 306 24.77 5.56 -11.04
C LEU A 306 24.35 6.73 -11.91
N TYR A 307 23.72 7.70 -11.27
CA TYR A 307 23.32 8.93 -11.94
C TYR A 307 24.57 9.65 -12.37
N ARG A 308 25.40 10.05 -11.41
CA ARG A 308 26.65 10.74 -11.73
C ARG A 308 27.37 10.02 -12.86
N THR A 309 27.67 8.74 -12.64
CA THR A 309 28.36 7.94 -13.64
C THR A 309 27.77 8.09 -15.05
N TYR A 310 26.47 7.83 -15.16
CA TYR A 310 25.74 7.90 -16.43
C TYR A 310 25.80 9.27 -17.08
N ILE A 311 25.49 10.31 -16.31
CA ILE A 311 25.51 11.67 -16.83
C ILE A 311 26.87 11.96 -17.41
N GLY A 312 27.89 11.78 -16.56
CA GLY A 312 29.25 12.10 -16.93
C GLY A 312 29.79 11.23 -18.05
N ILE A 313 29.12 10.12 -18.32
CA ILE A 313 29.57 9.21 -19.36
C ILE A 313 28.78 9.37 -20.64
N TYR A 314 27.63 10.02 -20.53
CA TYR A 314 26.58 9.97 -21.55
C TYR A 314 26.92 10.45 -22.97
N PRO A 315 27.52 11.63 -23.10
CA PRO A 315 27.83 12.20 -24.43
C PRO A 315 28.56 11.21 -25.33
N THR A 316 29.13 10.19 -24.70
CA THR A 316 30.01 9.23 -25.35
C THR A 316 29.27 8.03 -25.94
N LEU A 317 28.21 7.59 -25.27
CA LEU A 317 27.42 6.48 -25.81
C LEU A 317 26.75 6.94 -27.08
N GLY A 318 26.57 6.02 -28.03
CA GLY A 318 25.84 6.36 -29.23
C GLY A 318 24.50 6.98 -28.86
N GLY A 319 23.90 6.43 -27.80
CA GLY A 319 22.59 6.84 -27.36
C GLY A 319 22.27 6.05 -26.11
N ASN A 320 21.38 5.08 -26.23
CA ASN A 320 20.88 4.35 -25.07
C ASN A 320 21.58 3.02 -24.78
N ILE A 321 21.82 2.73 -23.51
CA ILE A 321 22.37 1.44 -23.11
C ILE A 321 21.30 0.36 -23.24
N ASN A 322 20.06 0.73 -22.90
CA ASN A 322 18.94 -0.18 -23.02
C ASN A 322 17.95 0.25 -24.09
N GLU A 323 18.18 -0.20 -25.32
CA GLU A 323 17.33 0.20 -26.43
C GLU A 323 16.10 -0.70 -26.58
N ASN A 324 14.98 -0.25 -26.03
CA ASN A 324 13.71 -0.92 -26.25
C ASN A 324 13.82 -2.35 -25.73
N GLY A 325 14.54 -2.52 -24.63
CA GLY A 325 14.65 -3.82 -23.99
C GLY A 325 15.84 -4.65 -24.43
N LYS A 326 16.54 -4.18 -25.47
CA LYS A 326 17.73 -4.87 -25.97
C LYS A 326 19.00 -4.09 -25.59
N LEU A 327 20.06 -4.81 -25.27
CA LEU A 327 21.27 -4.15 -24.79
C LEU A 327 22.20 -3.69 -25.91
N ASN A 328 22.97 -2.66 -25.62
CA ASN A 328 23.98 -2.17 -26.55
C ASN A 328 25.35 -2.44 -25.95
N LEU A 329 25.89 -3.62 -26.23
CA LEU A 329 27.06 -4.11 -25.51
C LEU A 329 28.23 -3.14 -25.47
N ARG A 330 28.43 -2.37 -26.53
CA ARG A 330 29.48 -1.34 -26.53
C ARG A 330 29.20 -0.26 -25.48
N ARG A 331 28.01 0.33 -25.54
CA ARG A 331 27.62 1.35 -24.59
C ARG A 331 27.63 0.81 -23.17
N LEU A 332 27.08 -0.39 -22.99
CA LEU A 332 27.15 -1.06 -21.70
C LEU A 332 28.59 -1.04 -21.24
N GLN A 333 29.46 -1.63 -22.04
CA GLN A 333 30.88 -1.65 -21.75
C GLN A 333 31.36 -0.32 -21.19
N ILE A 334 31.17 0.74 -21.96
CA ILE A 334 31.58 2.09 -21.55
C ILE A 334 31.08 2.40 -20.15
N PHE A 335 29.81 2.11 -19.92
CA PHE A 335 29.20 2.39 -18.62
C PHE A 335 29.92 1.66 -17.49
N ILE A 336 29.96 0.32 -17.58
CA ILE A 336 30.63 -0.49 -16.57
C ILE A 336 32.03 0.02 -16.28
N SER A 337 32.78 0.22 -17.36
CA SER A 337 34.09 0.82 -17.27
C SER A 337 34.03 2.01 -16.35
N ALA A 338 33.03 2.86 -16.54
CA ALA A 338 32.88 4.04 -15.70
C ALA A 338 32.62 3.68 -14.24
N LEU A 339 31.82 2.64 -14.01
CA LEU A 339 31.48 2.22 -12.65
C LEU A 339 32.68 1.72 -11.87
N THR A 340 33.72 1.34 -12.61
CA THR A 340 34.95 0.90 -11.94
C THR A 340 35.36 1.87 -10.83
N GLU A 341 35.27 3.18 -11.10
CA GLU A 341 35.60 4.16 -10.08
C GLU A 341 34.84 3.85 -8.79
N VAL A 342 33.52 3.89 -8.87
CA VAL A 342 32.66 3.59 -7.73
C VAL A 342 33.15 2.35 -6.99
N GLU A 343 33.24 1.23 -7.72
CA GLU A 343 33.65 -0.03 -7.09
C GLU A 343 34.96 0.10 -6.29
N LEU A 344 35.97 0.67 -6.95
CA LEU A 344 37.27 0.87 -6.34
C LEU A 344 37.20 1.74 -5.09
N ASP A 345 36.31 2.73 -5.11
CA ASP A 345 36.13 3.65 -3.98
C ASP A 345 35.49 2.92 -2.81
N HIS A 346 34.49 2.08 -3.12
CA HIS A 346 33.89 1.22 -2.11
C HIS A 346 34.96 0.38 -1.45
N PHE A 347 35.82 -0.23 -2.27
CA PHE A 347 36.93 -1.00 -1.71
C PHE A 347 37.78 -0.15 -0.78
N LYS A 348 38.12 1.05 -1.25
CA LYS A 348 39.00 1.94 -0.52
C LYS A 348 38.38 2.37 0.81
N GLU A 349 37.05 2.33 0.87
CA GLU A 349 36.32 2.76 2.06
C GLU A 349 36.29 1.68 3.15
N HIS A 350 35.86 0.48 2.78
CA HIS A 350 35.69 -0.58 3.77
C HIS A 350 36.89 -1.52 3.82
N ALA A 351 38.02 -1.04 3.30
CA ALA A 351 39.23 -1.84 3.27
C ALA A 351 39.61 -2.38 4.64
N ASP A 352 39.51 -1.54 5.66
CA ASP A 352 39.98 -1.93 6.99
C ASP A 352 39.02 -2.83 7.74
N ASP A 353 37.72 -2.61 7.58
CA ASP A 353 36.72 -3.43 8.26
C ASP A 353 36.74 -4.85 7.70
N ASP A 402 51.61 8.19 -5.31
CA ASP A 402 51.71 6.77 -5.61
C ASP A 402 50.65 6.00 -4.85
N GLU A 403 49.99 6.67 -3.90
CA GLU A 403 48.97 6.08 -3.05
C GLU A 403 48.02 5.19 -3.86
N ASN A 404 47.45 5.77 -4.91
CA ASN A 404 46.52 5.06 -5.77
C ASN A 404 47.08 3.71 -6.16
N ALA A 405 48.33 3.71 -6.63
CA ALA A 405 48.98 2.47 -7.06
C ALA A 405 48.91 1.41 -5.97
N VAL A 406 49.29 1.81 -4.76
CA VAL A 406 49.21 0.91 -3.62
C VAL A 406 47.82 0.34 -3.53
N LEU A 407 46.84 1.24 -3.58
CA LEU A 407 45.43 0.85 -3.57
C LEU A 407 45.14 -0.27 -4.55
N LEU A 408 45.55 -0.07 -5.81
CA LEU A 408 45.24 -1.00 -6.88
C LEU A 408 45.91 -2.34 -6.72
N LYS A 409 47.14 -2.34 -6.22
CA LYS A 409 47.84 -3.60 -6.01
C LYS A 409 47.07 -4.38 -4.94
N GLU A 410 46.74 -3.69 -3.86
CA GLU A 410 46.01 -4.30 -2.76
C GLU A 410 44.62 -4.78 -3.18
N PHE A 411 44.02 -4.08 -4.14
CA PHE A 411 42.71 -4.43 -4.62
C PHE A 411 42.76 -5.64 -5.55
N GLN A 412 43.78 -5.71 -6.40
CA GLN A 412 43.97 -6.88 -7.26
C GLN A 412 44.25 -8.11 -6.40
N ASN A 413 45.03 -7.93 -5.34
CA ASN A 413 45.29 -9.01 -4.38
C ASN A 413 44.00 -9.45 -3.69
N TYR A 414 43.20 -8.47 -3.29
CA TYR A 414 41.89 -8.75 -2.71
C TYR A 414 41.05 -9.59 -3.69
N LYS A 415 41.12 -9.23 -4.97
CA LYS A 415 40.42 -9.97 -6.01
C LYS A 415 40.88 -11.42 -6.03
N ARG A 416 42.14 -11.64 -6.36
CA ARG A 416 42.69 -13.00 -6.37
C ARG A 416 42.19 -13.80 -5.15
N ASN A 417 42.55 -13.32 -3.95
CA ASN A 417 42.16 -14.03 -2.73
C ASN A 417 40.67 -14.27 -2.60
N PHE A 418 39.88 -13.38 -3.21
CA PHE A 418 38.43 -13.51 -3.20
C PHE A 418 37.99 -14.64 -4.12
N TYR A 419 38.30 -14.54 -5.40
CA TYR A 419 38.02 -15.63 -6.32
C TYR A 419 38.33 -16.94 -5.62
N ARG A 420 39.57 -17.08 -5.16
CA ARG A 420 40.00 -18.30 -4.49
C ARG A 420 39.11 -18.70 -3.32
N ASN A 421 39.12 -17.90 -2.25
CA ASN A 421 38.40 -18.25 -1.03
C ASN A 421 36.87 -18.28 -1.14
N LYS A 422 36.27 -17.17 -1.54
CA LYS A 422 34.81 -17.07 -1.61
C LYS A 422 34.18 -17.66 -2.87
N PHE A 423 34.94 -17.77 -3.95
CA PHE A 423 34.41 -18.34 -5.19
C PHE A 423 34.79 -19.81 -5.37
N LYS A 424 35.65 -20.31 -4.48
CA LYS A 424 36.21 -21.66 -4.59
C LYS A 424 36.64 -22.01 -6.01
N ARG A 425 37.23 -21.05 -6.70
CA ARG A 425 37.75 -21.27 -8.02
C ARG A 425 39.02 -20.49 -8.24
N ASP A 426 39.95 -21.09 -8.98
CA ASP A 426 41.22 -20.45 -9.28
C ASP A 426 41.00 -19.33 -10.27
N PRO A 427 41.73 -18.23 -10.11
CA PRO A 427 41.59 -17.02 -10.94
C PRO A 427 42.18 -17.14 -12.34
N ASN A 428 41.82 -18.16 -13.10
CA ASN A 428 42.24 -18.21 -14.49
C ASN A 428 41.51 -17.15 -15.28
N ASP A 429 42.13 -16.61 -16.32
CA ASP A 429 41.45 -15.64 -17.16
C ASP A 429 40.22 -16.28 -17.72
N GLU A 430 40.21 -17.61 -17.78
CA GLU A 430 39.05 -18.36 -18.21
C GLU A 430 37.88 -18.05 -17.27
N LEU A 431 38.19 -17.94 -15.98
CA LEU A 431 37.18 -17.63 -14.98
C LEU A 431 36.58 -16.26 -15.25
N ILE A 432 37.42 -15.22 -15.31
CA ILE A 432 36.90 -13.89 -15.62
C ILE A 432 36.04 -13.98 -16.87
N GLU A 433 36.52 -14.73 -17.86
CA GLU A 433 35.80 -14.87 -19.11
C GLU A 433 34.38 -15.35 -18.87
N GLU A 434 34.23 -16.57 -18.33
CA GLU A 434 32.88 -17.11 -18.14
C GLU A 434 32.03 -16.29 -17.16
N LEU A 435 32.66 -15.57 -16.25
CA LEU A 435 31.95 -14.67 -15.34
C LEU A 435 31.33 -13.51 -16.08
N CYS A 436 32.11 -12.93 -16.99
CA CYS A 436 31.63 -11.82 -17.80
C CYS A 436 30.50 -12.32 -18.67
N HIS A 437 30.75 -13.47 -19.28
CA HIS A 437 29.75 -14.09 -20.12
C HIS A 437 28.44 -14.19 -19.38
N HIS A 438 28.47 -14.96 -18.29
CA HIS A 438 27.26 -15.24 -17.53
C HIS A 438 26.60 -14.00 -16.94
N TYR A 439 27.38 -13.00 -16.57
CA TYR A 439 26.78 -11.79 -16.03
C TYR A 439 26.02 -11.02 -17.10
N VAL A 440 26.67 -10.75 -18.22
CA VAL A 440 26.01 -10.01 -19.28
C VAL A 440 24.77 -10.77 -19.73
N ASN A 441 24.91 -12.08 -19.87
CA ASN A 441 23.76 -12.93 -20.16
C ASN A 441 22.64 -12.69 -19.15
N ALA A 442 23.01 -12.70 -17.88
CA ALA A 442 22.04 -12.45 -16.82
C ALA A 442 21.25 -11.17 -17.10
N LEU A 443 21.97 -10.05 -17.11
CA LEU A 443 21.36 -8.76 -17.39
C LEU A 443 20.39 -8.78 -18.56
N GLN A 444 20.86 -9.25 -19.72
CA GLN A 444 19.99 -9.30 -20.88
C GLN A 444 18.74 -10.13 -20.56
N TRP A 445 18.95 -11.24 -19.86
CA TRP A 445 17.85 -12.14 -19.50
C TRP A 445 16.77 -11.40 -18.74
N VAL A 446 17.17 -10.66 -17.70
CA VAL A 446 16.22 -9.89 -16.93
C VAL A 446 15.48 -8.88 -17.81
N LEU A 447 16.22 -8.15 -18.64
CA LEU A 447 15.56 -7.17 -19.47
C LEU A 447 14.52 -7.82 -20.37
N ASP A 448 14.83 -9.00 -20.91
CA ASP A 448 13.85 -9.74 -21.67
C ASP A 448 12.64 -10.05 -20.79
N TYR A 449 12.91 -10.68 -19.65
CA TYR A 449 11.86 -10.99 -18.70
C TYR A 449 10.87 -9.85 -18.68
N TYR A 450 11.36 -8.62 -18.56
CA TYR A 450 10.45 -7.46 -18.45
C TYR A 450 9.84 -6.93 -19.75
N TYR A 451 10.66 -6.79 -20.79
CA TYR A 451 10.25 -6.13 -22.02
C TYR A 451 9.59 -7.03 -23.05
N ARG A 452 9.88 -8.33 -22.97
CA ARG A 452 9.40 -9.27 -23.97
C ARG A 452 8.82 -10.56 -23.39
N GLY A 453 8.86 -10.69 -22.07
CA GLY A 453 8.40 -11.91 -21.45
C GLY A 453 9.54 -12.88 -21.35
N VAL A 454 9.37 -13.95 -20.57
CA VAL A 454 10.42 -14.94 -20.39
C VAL A 454 11.04 -15.33 -21.71
N GLN A 455 12.36 -15.37 -21.75
CA GLN A 455 13.07 -15.80 -22.94
C GLN A 455 13.90 -17.04 -22.66
N SER A 456 13.85 -17.53 -21.43
CA SER A 456 14.50 -18.78 -21.08
C SER A 456 14.05 -19.29 -19.71
N TRP A 457 13.47 -20.50 -19.69
CA TRP A 457 13.04 -21.09 -18.43
C TRP A 457 14.20 -21.81 -17.74
N ASP A 458 15.18 -22.25 -18.53
CA ASP A 458 16.31 -23.04 -18.05
C ASP A 458 17.46 -22.18 -17.53
N TRP A 459 17.79 -21.13 -18.27
CA TRP A 459 18.96 -20.33 -17.97
C TRP A 459 19.00 -19.87 -16.51
N TYR A 460 20.22 -19.78 -15.97
CA TYR A 460 20.41 -19.20 -14.65
C TYR A 460 21.86 -18.78 -14.40
N TYR A 461 22.03 -17.70 -13.63
CA TYR A 461 23.37 -17.28 -13.20
C TYR A 461 23.93 -18.36 -12.29
N PRO A 462 25.00 -19.04 -12.74
CA PRO A 462 25.49 -20.26 -12.08
C PRO A 462 26.54 -20.00 -11.01
N PHE A 463 26.67 -18.75 -10.57
CA PHE A 463 27.58 -18.41 -9.49
C PHE A 463 26.82 -17.83 -8.30
N HIS A 464 27.43 -17.85 -7.12
CA HIS A 464 26.78 -17.33 -5.93
C HIS A 464 27.12 -15.87 -5.66
N TYR A 465 28.16 -15.37 -6.29
CA TYR A 465 28.56 -13.97 -6.13
C TYR A 465 28.60 -13.23 -7.46
N THR A 466 28.83 -11.93 -7.40
CA THR A 466 28.91 -11.10 -8.58
C THR A 466 30.35 -10.91 -9.02
N PRO A 467 30.55 -10.62 -10.32
CA PRO A 467 31.88 -10.32 -10.87
C PRO A 467 32.45 -9.05 -10.26
N PHE A 468 33.74 -8.82 -10.45
CA PHE A 468 34.30 -7.52 -10.11
C PHE A 468 34.15 -6.59 -11.31
N ILE A 469 33.47 -5.47 -11.11
CA ILE A 469 33.27 -4.50 -12.17
C ILE A 469 34.60 -4.19 -12.87
N SER A 470 35.64 -3.93 -12.08
CA SER A 470 36.96 -3.68 -12.66
C SER A 470 37.40 -4.80 -13.58
N ASP A 471 36.92 -6.01 -13.30
CA ASP A 471 37.28 -7.19 -14.08
C ASP A 471 36.23 -7.56 -15.13
N LEU A 472 35.46 -6.57 -15.55
CA LEU A 472 34.54 -6.75 -16.66
C LEU A 472 35.04 -5.98 -17.87
N LYS A 473 35.80 -6.67 -18.72
CA LYS A 473 36.22 -6.11 -19.99
C LYS A 473 35.82 -7.07 -21.10
N ASN A 474 35.76 -6.56 -22.33
CA ASN A 474 35.28 -7.34 -23.46
C ASN A 474 33.90 -7.92 -23.27
N ILE A 475 33.00 -7.06 -22.82
CA ILE A 475 31.59 -7.37 -22.80
C ILE A 475 31.11 -7.54 -24.23
N GLU A 476 31.53 -6.63 -25.10
CA GLU A 476 31.05 -6.61 -26.48
C GLU A 476 31.21 -7.96 -27.19
N GLN A 477 32.21 -8.74 -26.80
CA GLN A 477 32.45 -10.04 -27.41
C GLN A 477 31.46 -11.09 -26.93
N VAL A 478 30.62 -10.73 -25.97
CA VAL A 478 29.73 -11.68 -25.31
C VAL A 478 28.55 -12.12 -26.17
N GLU A 479 28.39 -13.42 -26.35
CA GLU A 479 27.27 -13.97 -27.13
C GLU A 479 26.09 -14.27 -26.23
N ILE A 480 24.91 -13.77 -26.59
CA ILE A 480 23.72 -14.06 -25.79
C ILE A 480 22.81 -15.04 -26.48
N ALA A 481 22.62 -16.19 -25.85
CA ALA A 481 21.79 -17.22 -26.42
C ALA A 481 21.23 -18.10 -25.31
N PHE A 482 20.03 -17.76 -24.86
CA PHE A 482 19.26 -18.68 -24.04
C PHE A 482 18.09 -19.17 -24.87
N HIS A 483 17.55 -20.32 -24.48
CA HIS A 483 16.41 -20.89 -25.19
C HIS A 483 15.24 -21.11 -24.24
N MET A 484 14.04 -20.80 -24.74
CA MET A 484 12.79 -20.89 -24.00
C MET A 484 12.66 -22.09 -23.08
N GLY A 485 12.93 -23.28 -23.61
CA GLY A 485 12.66 -24.49 -22.86
C GLY A 485 11.23 -24.38 -22.37
N THR A 486 10.93 -25.06 -21.27
CA THR A 486 9.60 -24.97 -20.69
C THR A 486 9.63 -25.02 -19.16
N PRO A 487 8.64 -24.40 -18.53
CA PRO A 487 8.50 -24.43 -17.07
C PRO A 487 8.42 -25.84 -16.54
N PHE A 488 9.03 -26.09 -15.38
CA PHE A 488 8.99 -27.40 -14.73
C PHE A 488 7.57 -27.78 -14.31
N LEU A 489 7.30 -29.08 -14.24
CA LEU A 489 6.04 -29.53 -13.66
C LEU A 489 6.11 -29.32 -12.17
N PRO A 490 4.97 -28.99 -11.54
CA PRO A 490 4.98 -28.62 -10.13
C PRO A 490 5.95 -29.46 -9.30
N PHE A 491 5.88 -30.79 -9.38
CA PHE A 491 6.70 -31.63 -8.51
C PHE A 491 8.21 -31.45 -8.73
N GLN A 492 8.62 -31.30 -9.98
CA GLN A 492 10.01 -31.05 -10.30
C GLN A 492 10.49 -29.79 -9.57
N GLN A 493 9.78 -28.69 -9.79
CA GLN A 493 10.17 -27.43 -9.20
C GLN A 493 10.16 -27.53 -7.69
N LEU A 494 9.17 -28.21 -7.16
CA LEU A 494 9.07 -28.46 -5.72
C LEU A 494 10.33 -29.09 -5.18
N LEU A 495 10.79 -30.15 -5.84
CA LEU A 495 11.99 -30.83 -5.40
C LEU A 495 13.20 -29.96 -5.60
N ALA A 496 13.12 -29.05 -6.56
CA ALA A 496 14.22 -28.14 -6.81
C ALA A 496 14.30 -27.07 -5.73
N VAL A 497 13.14 -26.73 -5.16
CA VAL A 497 13.02 -25.60 -4.25
C VAL A 497 13.02 -25.95 -2.76
N LEU A 498 12.34 -27.03 -2.39
CA LEU A 498 12.20 -27.38 -0.98
C LEU A 498 13.48 -27.95 -0.39
N PRO A 499 13.67 -27.78 0.93
CA PRO A 499 14.80 -28.37 1.65
C PRO A 499 14.37 -29.68 2.29
N ALA A 500 15.31 -30.44 2.83
CA ALA A 500 14.99 -31.70 3.49
C ALA A 500 13.79 -31.54 4.43
N ALA A 501 13.84 -30.47 5.22
CA ALA A 501 12.81 -30.18 6.24
C ALA A 501 11.38 -30.40 5.76
N SER A 502 11.04 -29.83 4.61
CA SER A 502 9.67 -29.84 4.11
C SER A 502 9.37 -31.02 3.19
N ALA A 503 10.13 -32.10 3.35
CA ALA A 503 9.89 -33.30 2.54
C ALA A 503 8.41 -33.64 2.52
N LYS A 504 7.75 -33.47 3.67
CA LYS A 504 6.34 -33.82 3.82
C LYS A 504 5.44 -33.23 2.73
N LEU A 505 5.76 -32.00 2.30
CA LEU A 505 4.93 -31.29 1.32
C LEU A 505 4.92 -31.96 -0.03
N LEU A 506 6.00 -32.69 -0.34
CA LEU A 506 6.05 -33.48 -1.55
C LEU A 506 5.23 -34.74 -1.35
N PRO A 507 4.88 -35.40 -2.44
CA PRO A 507 4.25 -36.72 -2.37
C PRO A 507 5.20 -37.72 -1.73
N VAL A 508 4.66 -38.77 -1.14
CA VAL A 508 5.46 -39.80 -0.49
C VAL A 508 6.56 -40.33 -1.43
N ALA A 509 6.27 -40.33 -2.73
CA ALA A 509 7.13 -40.96 -3.72
C ALA A 509 8.61 -40.55 -3.63
N TYR A 510 8.87 -39.30 -3.28
CA TYR A 510 10.26 -38.88 -3.21
C TYR A 510 10.71 -38.49 -1.83
N HIS A 511 9.92 -38.77 -0.80
CA HIS A 511 10.37 -38.41 0.55
C HIS A 511 11.76 -39.01 0.75
N ASP A 512 11.93 -40.23 0.27
CA ASP A 512 13.22 -40.88 0.35
C ASP A 512 14.31 -40.01 -0.26
N LEU A 513 14.07 -39.54 -1.48
CA LEU A 513 14.98 -38.66 -2.19
C LEU A 513 15.47 -37.47 -1.36
N MET A 514 14.59 -36.94 -0.51
CA MET A 514 14.96 -35.77 0.28
C MET A 514 15.89 -36.17 1.42
N LEU A 515 15.62 -37.32 2.03
CA LEU A 515 16.21 -37.61 3.32
C LEU A 515 17.06 -38.87 3.44
N LEU A 516 17.11 -39.70 2.40
CA LEU A 516 17.97 -40.88 2.47
C LEU A 516 19.34 -40.55 1.92
N PRO A 517 20.36 -40.58 2.79
CA PRO A 517 21.75 -40.24 2.46
C PRO A 517 22.26 -41.03 1.26
N THR A 518 21.58 -42.10 0.89
CA THR A 518 21.94 -42.84 -0.31
C THR A 518 21.69 -41.97 -1.54
N SER A 519 20.62 -41.20 -1.47
CA SER A 519 20.08 -40.43 -2.59
C SER A 519 21.12 -39.84 -3.54
N PRO A 520 20.88 -40.00 -4.85
CA PRO A 520 21.76 -39.43 -5.87
C PRO A 520 21.91 -37.93 -5.65
N LEU A 521 20.91 -37.34 -5.02
CA LEU A 521 20.82 -35.90 -4.86
C LEU A 521 21.12 -35.45 -3.43
N ALA A 522 21.73 -36.32 -2.64
CA ALA A 522 22.03 -35.97 -1.25
C ALA A 522 22.87 -34.70 -1.14
N GLU A 523 23.71 -34.46 -2.13
CA GLU A 523 24.55 -33.27 -2.14
C GLU A 523 23.72 -32.00 -2.05
N PHE A 524 22.56 -32.01 -2.70
CA PHE A 524 21.70 -30.84 -2.81
C PHE A 524 20.82 -30.70 -1.57
N TYR A 525 21.01 -31.57 -0.59
CA TYR A 525 20.20 -31.52 0.61
C TYR A 525 21.05 -31.54 1.86
N PRO A 526 21.92 -30.54 2.00
CA PRO A 526 22.82 -30.45 3.14
C PRO A 526 22.04 -30.35 4.43
N LEU A 527 22.40 -31.16 5.40
CA LEU A 527 21.84 -31.03 6.73
C LEU A 527 22.30 -29.68 7.24
N GLU A 528 23.55 -29.35 6.94
CA GLU A 528 24.15 -28.11 7.37
C GLU A 528 24.67 -27.32 6.16
N PHE A 529 24.24 -26.08 6.05
CA PHE A 529 24.70 -25.23 4.95
C PHE A 529 25.31 -23.92 5.45
N GLU A 530 26.52 -23.62 5.00
CA GLU A 530 27.21 -22.41 5.45
C GLU A 530 26.58 -21.17 4.82
N SER A 531 26.86 -20.02 5.41
CA SER A 531 26.26 -18.78 4.91
C SER A 531 27.24 -17.61 4.99
N ASP A 532 27.54 -17.02 3.84
CA ASP A 532 28.41 -15.86 3.80
C ASP A 532 27.57 -14.59 3.78
N LEU A 533 28.05 -13.55 4.45
CA LEU A 533 27.37 -12.27 4.50
C LEU A 533 28.34 -11.18 4.11
N ASN A 534 28.34 -10.81 2.84
CA ASN A 534 29.26 -9.78 2.38
C ASN A 534 28.94 -8.42 2.97
N GLY A 535 29.26 -8.22 4.25
CA GLY A 535 29.05 -6.94 4.89
C GLY A 535 27.59 -6.55 4.87
N LYS A 536 26.74 -7.56 4.77
CA LYS A 536 25.31 -7.38 4.83
C LYS A 536 24.85 -7.82 6.22
N LYS A 537 24.15 -6.93 6.90
CA LYS A 537 23.93 -7.05 8.34
C LYS A 537 22.99 -8.17 8.80
N HIS A 538 21.93 -8.45 8.02
CA HIS A 538 20.90 -9.35 8.50
C HIS A 538 20.95 -10.73 7.86
N ASP A 539 20.64 -11.74 8.66
CA ASP A 539 20.74 -13.13 8.20
C ASP A 539 20.00 -13.35 6.89
N TRP A 540 18.93 -12.59 6.66
CA TRP A 540 18.17 -12.77 5.43
C TRP A 540 18.91 -12.21 4.22
N GLU A 541 19.83 -11.28 4.47
CA GLU A 541 20.66 -10.73 3.39
C GLU A 541 21.82 -11.66 3.13
N ALA A 542 21.99 -12.63 4.02
CA ALA A 542 23.11 -13.55 3.94
C ALA A 542 22.98 -14.49 2.76
N VAL A 543 24.08 -14.63 2.03
CA VAL A 543 24.15 -15.61 0.95
C VAL A 543 23.97 -16.99 1.54
N VAL A 544 23.39 -17.90 0.75
CA VAL A 544 23.12 -19.25 1.21
C VAL A 544 23.85 -20.29 0.37
N LEU A 545 25.05 -20.66 0.80
CA LEU A 545 25.94 -21.50 0.02
C LEU A 545 25.49 -22.96 -0.09
N ILE A 546 24.91 -23.29 -1.23
CA ILE A 546 24.38 -24.62 -1.46
C ILE A 546 24.81 -25.07 -2.87
N PRO A 547 24.50 -26.32 -3.25
CA PRO A 547 24.76 -26.62 -4.66
C PRO A 547 23.72 -25.99 -5.59
N PHE A 548 23.96 -26.10 -6.89
CA PHE A 548 22.97 -25.76 -7.91
C PHE A 548 22.51 -27.08 -8.49
N ILE A 549 21.21 -27.34 -8.48
CA ILE A 549 20.71 -28.59 -9.03
C ILE A 549 20.90 -28.64 -10.54
N ASP A 550 21.45 -29.76 -11.01
CA ASP A 550 21.52 -30.04 -12.43
C ASP A 550 20.22 -30.72 -12.80
N GLU A 551 19.49 -30.15 -13.77
CA GLU A 551 18.21 -30.72 -14.17
C GLU A 551 18.37 -32.17 -14.58
N GLY A 552 19.42 -32.46 -15.34
CA GLY A 552 19.69 -33.83 -15.75
C GLY A 552 19.60 -34.80 -14.59
N ARG A 553 20.61 -34.78 -13.73
CA ARG A 553 20.64 -35.71 -12.60
C ARG A 553 19.33 -35.76 -11.86
N LEU A 554 18.67 -34.61 -11.72
CA LEU A 554 17.41 -34.53 -10.97
C LEU A 554 16.26 -35.31 -11.61
N LEU A 555 15.98 -35.04 -12.88
CA LEU A 555 14.94 -35.80 -13.57
C LEU A 555 15.33 -37.27 -13.63
N ALA A 556 16.63 -37.51 -13.64
CA ALA A 556 17.16 -38.86 -13.66
C ALA A 556 16.77 -39.58 -12.38
N ALA A 557 16.81 -38.86 -11.27
CA ALA A 557 16.51 -39.41 -9.96
C ALA A 557 15.02 -39.34 -9.66
N MET A 558 14.24 -38.93 -10.65
CA MET A 558 12.78 -38.90 -10.51
C MET A 558 12.11 -40.01 -11.30
N LEU A 559 12.76 -40.42 -12.39
CA LEU A 559 12.20 -41.41 -13.32
C LEU A 559 11.43 -42.55 -12.66
N PRO A 560 12.05 -43.26 -11.71
CA PRO A 560 11.38 -44.42 -11.10
C PRO A 560 10.11 -44.05 -10.34
N CYS A 561 10.19 -43.02 -9.51
CA CYS A 561 9.09 -42.64 -8.64
C CYS A 561 7.86 -42.21 -9.44
N GLU A 562 8.09 -41.46 -10.52
CA GLU A 562 7.00 -40.88 -11.30
C GLU A 562 5.81 -41.81 -11.52
N ALA A 563 6.06 -43.00 -12.05
CA ALA A 563 4.96 -43.90 -12.32
C ALA A 563 4.10 -44.10 -11.07
N GLN A 564 4.76 -44.36 -9.94
CA GLN A 564 4.09 -44.77 -8.71
C GLN A 564 3.26 -43.69 -7.99
N LEU A 565 3.36 -42.44 -8.44
CA LEU A 565 2.61 -41.36 -7.79
C LEU A 565 1.12 -41.68 -7.70
N SER A 566 0.49 -41.27 -6.60
CA SER A 566 -0.93 -41.50 -6.41
C SER A 566 -1.74 -40.79 -7.49
N LEU A 567 -2.84 -41.41 -7.89
CA LEU A 567 -3.66 -40.89 -8.97
C LEU A 567 -3.90 -39.38 -8.88
N GLU A 568 -4.46 -38.92 -7.76
CA GLU A 568 -4.75 -37.49 -7.60
C GLU A 568 -3.46 -36.67 -7.65
N GLU A 569 -2.39 -37.24 -7.11
CA GLU A 569 -1.09 -36.58 -7.16
C GLU A 569 -0.66 -36.46 -8.61
N ARG A 570 -0.93 -37.51 -9.37
CA ARG A 570 -0.58 -37.53 -10.79
C ARG A 570 -1.36 -36.49 -11.58
N GLU A 571 -2.63 -36.30 -11.22
CA GLU A 571 -3.47 -35.33 -11.92
C GLU A 571 -3.09 -33.89 -11.55
N ARG A 572 -2.82 -33.63 -10.27
CA ARG A 572 -2.51 -32.26 -9.83
C ARG A 572 -1.16 -31.76 -10.33
N ASN A 573 -0.48 -32.60 -11.09
CA ASN A 573 0.88 -32.33 -11.56
C ASN A 573 0.94 -31.86 -13.01
N ARG A 574 -0.08 -31.14 -13.44
CA ARG A 574 -0.10 -30.57 -14.78
C ARG A 574 -0.17 -29.06 -14.68
N HIS A 575 0.32 -28.37 -15.70
CA HIS A 575 0.19 -26.93 -15.77
C HIS A 575 -1.24 -26.63 -16.13
N GLY A 576 -1.69 -25.42 -15.84
CA GLY A 576 -3.07 -25.06 -16.11
C GLY A 576 -3.25 -23.62 -16.54
N PRO A 577 -4.50 -23.27 -16.86
CA PRO A 577 -4.88 -21.96 -17.39
C PRO A 577 -5.26 -20.96 -16.31
N MET A 578 -5.65 -19.78 -16.76
CA MET A 578 -6.22 -18.76 -15.91
C MET A 578 -7.70 -18.71 -16.21
N TYR A 579 -8.48 -18.04 -15.37
CA TYR A 579 -9.92 -18.02 -15.57
C TYR A 579 -10.51 -16.64 -15.64
N VAL A 580 -11.48 -16.47 -16.53
CA VAL A 580 -12.12 -15.20 -16.76
C VAL A 580 -13.59 -15.25 -16.34
N TYR A 581 -13.93 -14.44 -15.33
CA TYR A 581 -15.27 -14.37 -14.79
C TYR A 581 -15.95 -13.10 -15.25
N LYS A 582 -17.20 -13.25 -15.68
CA LYS A 582 -18.03 -12.12 -16.10
C LYS A 582 -19.45 -12.36 -15.60
N TYR A 583 -20.02 -11.37 -14.91
CA TYR A 583 -21.35 -11.55 -14.38
C TYR A 583 -22.35 -11.77 -15.52
N SER A 584 -23.24 -12.74 -15.33
CA SER A 584 -24.25 -13.06 -16.32
C SER A 584 -25.64 -12.87 -15.75
N THR A 585 -26.50 -12.18 -16.51
CA THR A 585 -27.90 -12.07 -16.15
C THR A 585 -28.56 -13.45 -16.17
N VAL A 586 -28.17 -14.27 -17.13
CA VAL A 586 -28.70 -15.62 -17.26
C VAL A 586 -28.15 -16.55 -16.19
N ALA A 587 -29.04 -17.29 -15.52
CA ALA A 587 -28.64 -18.21 -14.45
C ALA A 587 -27.78 -19.36 -14.97
N GLN A 588 -26.64 -19.59 -14.32
CA GLN A 588 -25.67 -20.56 -14.81
C GLN A 588 -25.65 -21.85 -14.01
N GLY A 589 -26.64 -22.02 -13.14
CA GLY A 589 -26.78 -23.26 -12.41
C GLY A 589 -26.17 -23.22 -11.02
N PRO A 590 -26.18 -24.36 -10.33
CA PRO A 590 -25.76 -24.49 -8.93
C PRO A 590 -24.25 -24.62 -8.75
N MET A 591 -23.78 -24.32 -7.54
CA MET A 591 -22.39 -24.48 -7.17
C MET A 591 -22.31 -25.20 -5.82
N PRO A 592 -21.42 -26.18 -5.71
CA PRO A 592 -21.21 -26.89 -4.44
C PRO A 592 -20.53 -25.99 -3.43
N ALA A 593 -20.64 -26.31 -2.15
CA ALA A 593 -19.97 -25.52 -1.13
C ALA A 593 -18.50 -25.93 -1.09
N TYR A 594 -17.68 -25.09 -0.46
CA TYR A 594 -16.29 -25.42 -0.27
C TYR A 594 -15.87 -24.69 1.00
N PRO A 595 -15.19 -25.40 1.91
CA PRO A 595 -14.76 -24.76 3.15
C PRO A 595 -13.94 -23.51 2.84
N PRO A 596 -14.37 -22.34 3.31
CA PRO A 596 -15.55 -22.14 4.14
C PRO A 596 -16.74 -21.51 3.42
N LEU A 597 -16.68 -21.43 2.10
CA LEU A 597 -17.77 -20.85 1.33
C LEU A 597 -19.00 -21.74 1.39
N ARG A 598 -20.12 -21.16 1.81
CA ARG A 598 -21.37 -21.88 1.76
C ARG A 598 -21.74 -22.05 0.29
N ALA A 599 -22.57 -23.05 0.03
CA ALA A 599 -22.92 -23.42 -1.33
C ALA A 599 -23.90 -22.42 -1.95
N LEU A 600 -23.96 -22.41 -3.28
CA LEU A 600 -24.81 -21.47 -3.99
C LEU A 600 -25.82 -22.17 -4.86
N PRO A 601 -27.10 -21.83 -4.69
CA PRO A 601 -28.18 -22.43 -5.46
C PRO A 601 -28.06 -22.08 -6.94
N VAL A 602 -27.62 -20.86 -7.24
CA VAL A 602 -27.52 -20.39 -8.62
C VAL A 602 -26.37 -19.41 -8.83
N LEU A 603 -25.49 -19.73 -9.78
CA LEU A 603 -24.42 -18.84 -10.19
C LEU A 603 -24.98 -17.80 -11.13
N TYR A 604 -24.42 -16.60 -11.08
CA TYR A 604 -24.80 -15.56 -12.02
C TYR A 604 -23.58 -15.02 -12.72
N CYS A 605 -22.53 -15.83 -12.80
CA CYS A 605 -21.32 -15.43 -13.50
C CYS A 605 -20.76 -16.59 -14.30
N THR A 606 -19.89 -16.26 -15.24
CA THR A 606 -19.26 -17.28 -16.07
C THR A 606 -17.76 -17.29 -15.87
N GLU A 607 -17.22 -18.50 -15.81
CA GLU A 607 -15.79 -18.75 -15.69
C GLU A 607 -15.30 -19.35 -17.00
N VAL A 608 -14.21 -18.83 -17.54
CA VAL A 608 -13.73 -19.26 -18.86
C VAL A 608 -12.21 -19.38 -18.90
N ALA A 609 -11.70 -20.54 -19.26
CA ALA A 609 -10.26 -20.75 -19.27
C ALA A 609 -9.57 -20.00 -20.41
N LYS A 610 -8.50 -19.29 -20.05
CA LYS A 610 -7.62 -18.66 -21.01
C LYS A 610 -6.21 -19.17 -20.70
N TRP A 611 -5.53 -19.69 -21.71
CA TRP A 611 -4.21 -20.25 -21.50
C TRP A 611 -3.11 -19.21 -21.68
N SER A 612 -1.92 -19.55 -21.21
CA SER A 612 -0.79 -18.64 -21.23
C SER A 612 -0.52 -18.11 -22.64
N HIS A 613 -0.92 -18.87 -23.66
CA HIS A 613 -0.56 -18.54 -25.03
C HIS A 613 -1.60 -17.71 -25.79
N GLU A 614 -2.71 -17.40 -25.15
CA GLU A 614 -3.71 -16.51 -25.74
C GLU A 614 -3.44 -15.08 -25.27
N ILE A 615 -2.22 -14.86 -24.78
CA ILE A 615 -1.83 -13.61 -24.16
C ILE A 615 -0.43 -13.29 -24.67
N ALA A 616 0.12 -14.24 -25.41
CA ALA A 616 1.46 -14.16 -25.98
C ALA A 616 1.58 -13.06 -27.01
N VAL A 617 2.65 -12.28 -26.91
CA VAL A 617 2.95 -11.30 -27.94
C VAL A 617 4.30 -11.59 -28.56
N ASN A 618 4.29 -11.93 -29.85
CA ASN A 618 5.53 -12.23 -30.55
C ASN A 618 5.91 -11.12 -31.54
N LEU A 619 6.90 -10.32 -31.15
CA LEU A 619 7.40 -9.26 -32.01
C LEU A 619 8.87 -8.97 -31.77
N PRO A 620 9.52 -8.31 -32.74
CA PRO A 620 10.92 -7.89 -32.73
C PRO A 620 11.18 -6.81 -31.70
N TYR A 621 10.22 -5.90 -31.58
CA TYR A 621 10.35 -4.81 -30.63
C TYR A 621 9.53 -5.10 -29.38
N SER A 622 9.70 -4.26 -28.36
CA SER A 622 8.91 -4.39 -27.15
C SER A 622 7.70 -3.50 -27.24
N VAL A 623 6.54 -4.07 -26.95
CA VAL A 623 5.31 -3.29 -26.85
C VAL A 623 5.34 -2.35 -25.64
N CYS A 624 6.39 -2.45 -24.82
CA CYS A 624 6.60 -1.51 -23.73
C CYS A 624 7.08 -0.19 -24.27
N ILE A 625 6.43 0.30 -25.32
CA ILE A 625 6.75 1.57 -25.93
C ILE A 625 5.86 2.66 -25.36
N GLU A 626 6.06 3.88 -25.83
CA GLU A 626 5.31 5.03 -25.36
C GLU A 626 4.15 5.27 -26.33
N LEU A 627 2.96 4.76 -25.99
CA LEU A 627 1.78 4.97 -26.83
C LEU A 627 1.51 6.44 -27.11
N PRO A 628 1.47 6.82 -28.39
CA PRO A 628 1.30 8.22 -28.79
C PRO A 628 -0.17 8.65 -28.78
N ASN A 629 -1.08 7.69 -28.85
CA ASN A 629 -2.51 7.98 -28.79
C ASN A 629 -2.93 8.65 -27.48
N ALA A 630 -2.13 8.42 -26.44
CA ALA A 630 -2.41 8.94 -25.12
C ALA A 630 -2.33 10.46 -25.07
N ALA A 631 -3.13 11.06 -24.19
CA ALA A 631 -3.11 12.51 -24.04
C ALA A 631 -2.42 12.92 -22.75
N ARG A 632 -1.26 13.55 -22.87
CA ARG A 632 -0.49 14.02 -21.72
C ARG A 632 -0.50 15.56 -21.60
N THR A 633 -1.26 16.21 -22.48
CA THR A 633 -1.53 17.64 -22.41
C THR A 633 -2.64 17.94 -21.41
N VAL A 634 -3.62 17.05 -21.38
CA VAL A 634 -4.83 17.15 -20.56
C VAL A 634 -4.59 16.64 -19.15
N PHE A 635 -5.40 17.10 -18.20
CA PHE A 635 -5.29 16.63 -16.83
C PHE A 635 -6.33 15.55 -16.49
N PHE A 636 -5.88 14.50 -15.83
CA PHE A 636 -6.79 13.49 -15.30
C PHE A 636 -6.87 13.63 -13.78
N PRO A 637 -8.09 13.80 -13.25
CA PRO A 637 -8.31 14.05 -11.83
C PRO A 637 -7.42 13.24 -10.87
N GLY A 638 -7.28 11.95 -11.07
CA GLY A 638 -6.51 11.16 -10.11
C GLY A 638 -5.01 11.42 -10.09
N PHE A 639 -4.48 11.95 -11.19
CA PHE A 639 -3.06 11.85 -11.48
C PHE A 639 -2.33 13.17 -11.66
N PRO A 640 -1.45 13.51 -10.70
CA PRO A 640 -0.72 14.78 -10.69
C PRO A 640 0.32 14.90 -11.81
N THR A 641 0.54 16.13 -12.28
CA THR A 641 1.64 16.42 -13.20
C THR A 641 2.20 17.80 -12.87
N MET A 642 3.52 17.96 -12.99
CA MET A 642 4.14 19.26 -12.69
C MET A 642 4.23 20.12 -13.94
N GLN A 643 3.55 19.67 -14.99
CA GLN A 643 3.72 20.24 -16.31
C GLN A 643 3.05 21.59 -16.55
N HIS A 644 1.92 21.84 -15.88
CA HIS A 644 1.12 23.01 -16.23
C HIS A 644 1.66 24.32 -15.68
N LEU A 645 2.72 24.23 -14.90
CA LEU A 645 3.34 25.44 -14.36
C LEU A 645 4.80 25.55 -14.78
N PRO A 646 5.17 26.68 -15.39
CA PRO A 646 6.59 26.91 -15.62
C PRO A 646 7.31 27.06 -14.30
N PHE A 647 8.24 26.15 -14.06
CA PHE A 647 9.02 26.13 -12.84
C PHE A 647 10.47 25.83 -13.16
N ASP A 648 11.35 26.35 -12.32
CA ASP A 648 12.74 25.96 -12.31
C ASP A 648 12.86 24.93 -11.21
N PHE A 649 14.06 24.42 -11.01
CA PHE A 649 14.26 23.38 -10.01
C PHE A 649 15.71 23.31 -9.59
N GLU A 650 15.96 22.69 -8.45
CA GLU A 650 17.34 22.49 -8.00
C GLU A 650 17.36 21.41 -6.94
N LEU A 651 18.45 20.66 -6.88
CA LEU A 651 18.57 19.63 -5.87
C LEU A 651 19.21 20.26 -4.64
N ARG A 652 18.47 20.31 -3.54
CA ARG A 652 18.93 20.98 -2.34
C ARG A 652 18.92 20.03 -1.15
N ASN A 653 19.39 20.52 -0.01
CA ASN A 653 19.48 19.67 1.16
C ASN A 653 18.43 20.00 2.22
N ASP A 654 17.41 20.76 1.85
CA ASP A 654 16.31 21.06 2.77
C ASP A 654 15.78 19.77 3.34
N ARG A 655 15.77 19.65 4.66
CA ARG A 655 15.42 18.39 5.29
C ARG A 655 13.91 18.21 5.27
N VAL A 656 13.40 17.61 4.19
CA VAL A 656 11.97 17.39 4.02
C VAL A 656 11.54 16.20 4.85
N LYS A 657 10.28 16.20 5.25
CA LYS A 657 9.74 15.16 6.11
C LYS A 657 8.59 14.47 5.42
N VAL A 658 8.86 13.33 4.81
CA VAL A 658 7.83 12.58 4.11
C VAL A 658 7.27 11.49 5.00
N PHE A 659 8.14 10.81 5.73
CA PHE A 659 7.69 9.75 6.62
C PHE A 659 7.79 10.13 8.09
N GLU A 660 8.11 9.14 8.91
CA GLU A 660 8.14 9.36 10.36
C GLU A 660 9.10 10.48 10.73
N GLN A 661 10.32 10.41 10.23
CA GLN A 661 11.36 11.34 10.62
C GLN A 661 11.86 12.12 9.41
N VAL A 662 12.68 13.12 9.67
CA VAL A 662 13.19 14.01 8.64
C VAL A 662 14.20 13.29 7.76
N SER A 663 14.15 13.56 6.46
CA SER A 663 15.09 12.92 5.55
C SER A 663 16.50 13.36 5.86
N ARG A 664 17.43 12.42 5.70
CA ARG A 664 18.83 12.68 5.99
C ARG A 664 19.60 13.13 4.75
N ASN A 665 18.95 13.05 3.59
CA ASN A 665 19.59 13.41 2.34
C ASN A 665 18.94 14.54 1.57
N GLN A 666 19.40 14.71 0.34
CA GLN A 666 18.94 15.80 -0.52
C GLN A 666 17.58 15.50 -1.10
N ASN A 667 16.94 16.53 -1.63
CA ASN A 667 15.72 16.37 -2.42
C ASN A 667 15.66 17.37 -3.57
N ILE A 668 14.72 17.17 -4.48
CA ILE A 668 14.52 18.11 -5.56
C ILE A 668 13.47 19.16 -5.18
N VAL A 669 13.93 20.39 -5.03
CA VAL A 669 13.06 21.53 -4.78
C VAL A 669 12.60 22.13 -6.11
N LEU A 670 11.29 22.11 -6.30
CA LEU A 670 10.66 22.72 -7.46
C LEU A 670 10.35 24.17 -7.12
N LYS A 671 10.60 25.07 -8.07
CA LYS A 671 10.38 26.50 -7.85
C LYS A 671 9.67 27.16 -9.03
N PRO A 672 8.33 27.20 -8.98
CA PRO A 672 7.45 27.88 -9.92
C PRO A 672 7.93 29.29 -10.17
N ARG A 673 8.04 29.68 -11.44
CA ARG A 673 8.53 31.01 -11.77
C ARG A 673 7.55 32.10 -11.39
N LYS A 674 8.07 33.24 -10.93
CA LYS A 674 7.20 34.34 -10.55
C LYS A 674 6.22 34.52 -11.68
N ARG A 675 4.94 34.43 -11.34
CA ARG A 675 3.87 34.54 -12.32
C ARG A 675 3.83 35.95 -12.91
N GLN A 676 3.24 36.07 -14.10
CA GLN A 676 3.11 37.35 -14.77
C GLN A 676 2.11 38.30 -14.10
N LEU A 677 1.11 37.73 -13.42
CA LEU A 677 0.09 38.52 -12.73
C LEU A 677 0.71 39.32 -11.60
N GLU A 678 0.59 40.65 -11.65
CA GLU A 678 1.07 41.49 -10.55
C GLU A 678 0.55 40.96 -9.22
N ASP A 679 1.44 40.90 -8.24
CA ASP A 679 1.06 40.33 -6.95
C ASP A 679 0.39 41.34 -6.03
N THR A 680 -0.70 41.93 -6.51
CA THR A 680 -1.51 42.83 -5.70
C THR A 680 -2.89 42.21 -5.49
N LEU A 681 -3.65 42.77 -4.57
CA LEU A 681 -4.97 42.25 -4.25
C LEU A 681 -5.93 42.48 -5.39
N THR A 682 -6.04 43.74 -5.83
CA THR A 682 -7.03 44.06 -6.86
C THR A 682 -6.76 43.31 -8.16
N ALA A 683 -5.48 43.05 -8.44
CA ALA A 683 -5.08 42.37 -9.67
C ALA A 683 -5.38 40.86 -9.62
N VAL A 684 -5.02 40.22 -8.52
CA VAL A 684 -5.30 38.80 -8.32
C VAL A 684 -6.81 38.55 -8.31
N ALA A 685 -7.54 39.40 -7.58
CA ALA A 685 -9.00 39.37 -7.58
C ALA A 685 -9.51 39.50 -9.02
N SER A 686 -9.08 40.56 -9.70
CA SER A 686 -9.52 40.77 -11.07
C SER A 686 -9.44 39.47 -11.85
N GLN A 687 -8.34 38.73 -11.71
CA GLN A 687 -8.21 37.50 -12.50
C GLN A 687 -9.04 36.32 -11.99
N TYR A 688 -8.96 36.05 -10.69
CA TYR A 688 -9.33 34.74 -10.15
C TYR A 688 -10.50 34.70 -9.16
N LEU A 689 -10.95 35.86 -8.71
CA LEU A 689 -12.04 35.88 -7.74
C LEU A 689 -13.29 35.29 -8.37
N GLY A 690 -13.86 34.29 -7.71
CA GLY A 690 -15.11 33.68 -8.14
C GLY A 690 -14.94 32.70 -9.28
N LYS A 691 -13.73 32.65 -9.83
CA LYS A 691 -13.44 31.78 -10.97
C LYS A 691 -13.16 30.36 -10.50
N VAL A 692 -13.23 29.41 -11.43
CA VAL A 692 -12.91 28.03 -11.15
C VAL A 692 -11.47 27.73 -11.55
N ILE A 693 -10.66 27.35 -10.58
CA ILE A 693 -9.26 27.07 -10.84
C ILE A 693 -8.81 25.71 -10.29
N HIS A 694 -7.51 25.46 -10.37
CA HIS A 694 -6.94 24.23 -9.83
C HIS A 694 -5.77 24.56 -8.90
N VAL A 695 -5.93 24.21 -7.64
CA VAL A 695 -4.89 24.47 -6.64
C VAL A 695 -4.24 23.18 -6.19
N GLY A 696 -3.20 23.29 -5.37
CA GLY A 696 -2.35 22.15 -5.08
C GLY A 696 -1.61 21.93 -6.38
N TRP A 697 -0.37 21.49 -6.31
CA TRP A 697 0.40 21.32 -7.53
C TRP A 697 1.68 20.62 -7.18
N PRO A 698 1.99 19.52 -7.89
CA PRO A 698 1.23 19.03 -9.04
C PRO A 698 0.00 18.19 -8.67
N HIS A 699 -0.28 18.02 -7.38
CA HIS A 699 -1.45 17.28 -6.95
C HIS A 699 -2.71 18.14 -7.10
N LEU A 700 -3.00 18.56 -8.33
CA LEU A 700 -4.07 19.53 -8.57
C LEU A 700 -5.46 19.06 -8.15
N VAL A 701 -6.30 20.03 -7.80
CA VAL A 701 -7.71 19.80 -7.51
C VAL A 701 -8.52 20.96 -8.05
N LYS A 702 -9.76 20.67 -8.44
CA LYS A 702 -10.67 21.73 -8.87
C LYS A 702 -11.14 22.46 -7.64
N ALA A 703 -11.31 23.77 -7.75
CA ALA A 703 -11.74 24.56 -6.61
C ALA A 703 -12.23 25.89 -7.12
N ILE A 704 -13.05 26.57 -6.32
CA ILE A 704 -13.50 27.90 -6.68
C ILE A 704 -12.99 28.93 -5.68
N VAL A 705 -12.52 30.05 -6.21
CA VAL A 705 -11.97 31.12 -5.40
C VAL A 705 -13.10 31.91 -4.74
N VAL A 706 -13.17 31.89 -3.42
CA VAL A 706 -14.22 32.61 -2.70
C VAL A 706 -13.70 33.91 -2.08
N ARG A 707 -12.39 34.00 -1.90
CA ARG A 707 -11.79 35.20 -1.33
C ARG A 707 -10.34 35.36 -1.74
N VAL A 708 -9.89 36.60 -1.87
CA VAL A 708 -8.47 36.87 -2.03
C VAL A 708 -7.99 37.79 -0.91
N ALA A 709 -6.83 37.49 -0.34
CA ALA A 709 -6.39 38.22 0.83
C ALA A 709 -4.97 38.78 0.75
N THR A 710 -4.74 39.82 1.53
CA THR A 710 -3.45 40.47 1.62
C THR A 710 -3.22 40.77 3.08
N ARG A 711 -1.96 40.87 3.48
CA ARG A 711 -1.61 41.19 4.86
C ARG A 711 -2.49 42.32 5.40
N ASP A 712 -2.92 43.21 4.50
CA ASP A 712 -3.73 44.37 4.87
C ASP A 712 -5.23 44.24 4.60
N GLN A 713 -5.61 43.83 3.39
CA GLN A 713 -7.00 43.87 2.98
C GLN A 713 -7.52 42.55 2.44
N ARG A 714 -8.80 42.42 2.14
CA ARG A 714 -9.31 41.17 1.59
C ARG A 714 -10.67 41.29 0.92
N VAL A 715 -10.82 40.63 -0.22
CA VAL A 715 -12.02 40.76 -1.03
C VAL A 715 -12.89 39.51 -0.99
N ASP A 716 -14.16 39.74 -0.68
CA ASP A 716 -15.20 38.72 -0.73
C ASP A 716 -16.09 39.11 -1.90
N SER A 717 -17.09 38.29 -2.19
CA SER A 717 -18.05 38.59 -3.23
C SER A 717 -18.74 39.88 -2.86
N GLU A 718 -18.68 40.22 -1.57
CA GLU A 718 -19.40 41.34 -1.01
C GLU A 718 -18.55 42.61 -0.90
N GLY A 719 -17.28 42.53 -1.26
CA GLY A 719 -16.44 43.72 -1.27
C GLY A 719 -15.19 43.68 -0.41
N ILE A 720 -14.38 44.73 -0.52
CA ILE A 720 -13.09 44.78 0.17
C ILE A 720 -13.20 45.23 1.63
N THR A 721 -12.44 44.58 2.51
CA THR A 721 -12.34 44.96 3.93
C THR A 721 -10.91 44.78 4.44
N LEU A 722 -10.67 45.01 5.72
CA LEU A 722 -9.31 44.86 6.24
C LEU A 722 -9.03 43.47 6.79
N ASN A 723 -7.75 43.10 6.87
CA ASN A 723 -7.41 41.76 7.28
C ASN A 723 -6.43 41.71 8.46
N ASP A 724 -6.53 40.66 9.28
CA ASP A 724 -5.67 40.55 10.44
C ASP A 724 -4.26 40.20 10.03
N SER A 725 -3.38 41.17 10.08
CA SER A 725 -1.98 40.98 9.74
C SER A 725 -1.46 39.76 10.46
N ARG A 726 -1.57 39.73 11.78
CA ARG A 726 -1.10 38.61 12.57
C ARG A 726 -1.57 37.28 11.99
N ARG A 727 -2.89 37.10 11.95
CA ARG A 727 -3.49 35.87 11.46
C ARG A 727 -3.01 35.55 10.05
N PHE A 728 -2.79 36.58 9.24
CA PHE A 728 -2.32 36.39 7.88
C PHE A 728 -0.90 35.82 7.87
N ASP A 729 0.04 36.59 8.40
CA ASP A 729 1.43 36.17 8.52
C ASP A 729 1.51 34.74 9.05
N SER A 730 0.65 34.41 10.00
CA SER A 730 0.55 33.05 10.52
C SER A 730 0.14 32.06 9.46
N GLU A 731 -0.94 32.34 8.74
CA GLU A 731 -1.37 31.45 7.67
C GLU A 731 -0.23 31.22 6.71
N CYS A 732 0.49 32.30 6.38
CA CYS A 732 1.58 32.26 5.42
C CYS A 732 2.73 31.38 5.91
N LYS A 733 3.20 31.62 7.13
CA LYS A 733 4.12 30.67 7.76
C LYS A 733 3.64 29.24 7.56
N ALA A 734 2.41 28.95 8.00
CA ALA A 734 1.81 27.63 7.83
C ALA A 734 2.04 27.07 6.43
N LEU A 735 1.66 27.86 5.42
CA LEU A 735 1.79 27.42 4.04
C LEU A 735 3.23 27.10 3.68
N GLN A 736 4.12 28.07 3.89
CA GLN A 736 5.55 27.88 3.68
C GLN A 736 6.04 26.57 4.25
N GLU A 737 5.76 26.37 5.54
CA GLU A 737 6.20 25.16 6.21
C GLU A 737 5.71 23.98 5.42
N HIS A 738 4.41 23.93 5.14
CA HIS A 738 3.90 22.77 4.41
C HIS A 738 4.68 22.53 3.13
N PHE A 739 4.62 23.49 2.21
CA PHE A 739 5.26 23.32 0.91
C PHE A 739 6.72 22.92 0.99
N ILE A 740 7.54 23.65 1.74
CA ILE A 740 8.94 23.27 1.82
C ILE A 740 9.20 21.94 2.52
N ASN A 741 8.61 21.73 3.69
CA ASN A 741 8.97 20.58 4.49
C ASN A 741 8.39 19.27 4.01
N ARG A 742 7.27 19.34 3.30
CA ARG A 742 6.61 18.12 2.85
C ARG A 742 6.51 17.99 1.34
N MET A 743 6.47 19.12 0.65
CA MET A 743 6.21 19.09 -0.78
C MET A 743 7.44 19.45 -1.59
N GLY A 744 8.51 19.82 -0.92
CA GLY A 744 9.70 20.29 -1.60
C GLY A 744 9.35 21.31 -2.66
N ILE A 745 8.49 22.26 -2.32
CA ILE A 745 8.12 23.32 -3.25
C ILE A 745 8.44 24.70 -2.70
N GLN A 746 8.90 25.58 -3.58
CA GLN A 746 9.30 26.93 -3.19
C GLN A 746 8.72 28.00 -4.09
N PHE A 747 7.62 28.60 -3.66
CA PHE A 747 7.05 29.70 -4.41
C PHE A 747 7.86 30.98 -4.24
N ALA A 748 7.75 31.85 -5.23
CA ALA A 748 8.45 33.12 -5.19
C ALA A 748 8.08 33.87 -3.94
N ASN A 749 6.79 33.92 -3.63
CA ASN A 749 6.35 34.64 -2.44
C ASN A 749 4.91 34.33 -2.05
N TYR A 750 4.56 34.75 -0.85
CA TYR A 750 3.22 34.57 -0.33
C TYR A 750 2.64 35.95 -0.01
N ASP A 751 2.81 36.89 -0.95
CA ASP A 751 2.33 38.25 -0.76
C ASP A 751 0.82 38.30 -0.81
N VAL A 752 0.24 37.41 -1.60
CA VAL A 752 -1.18 37.40 -1.84
C VAL A 752 -1.72 35.97 -1.77
N LEU A 753 -2.64 35.71 -0.85
CA LEU A 753 -3.25 34.38 -0.81
C LEU A 753 -4.59 34.34 -1.52
N VAL A 754 -4.97 33.14 -1.95
CA VAL A 754 -6.26 32.89 -2.54
C VAL A 754 -6.96 31.86 -1.68
N TYR A 755 -8.23 32.07 -1.36
CA TYR A 755 -8.95 31.10 -0.54
C TYR A 755 -9.96 30.36 -1.40
N VAL A 756 -9.91 29.04 -1.35
CA VAL A 756 -10.75 28.25 -2.25
C VAL A 756 -11.65 27.26 -1.53
N ARG A 757 -12.64 26.77 -2.27
CA ARG A 757 -13.43 25.62 -1.87
C ARG A 757 -13.23 24.51 -2.90
N THR A 758 -12.74 23.36 -2.44
CA THR A 758 -12.51 22.23 -3.32
C THR A 758 -13.82 21.66 -3.86
N PHE A 759 -13.81 21.33 -5.15
CA PHE A 759 -14.96 20.70 -5.77
C PHE A 759 -15.37 19.50 -4.93
N ALA A 760 -16.67 19.41 -4.65
CA ALA A 760 -17.18 18.36 -3.78
C ALA A 760 -18.39 17.68 -4.39
N GLY A 761 -18.25 17.19 -5.60
CA GLY A 761 -19.29 16.38 -6.20
C GLY A 761 -20.32 17.13 -7.01
N ASN A 762 -20.97 16.42 -7.92
CA ASN A 762 -22.04 16.97 -8.72
C ASN A 762 -23.36 16.97 -7.97
N SER A 763 -24.08 18.07 -8.07
CA SER A 763 -25.31 18.22 -7.32
C SER A 763 -26.49 18.35 -8.27
N THR A 764 -27.58 17.70 -7.93
CA THR A 764 -28.78 17.82 -8.72
C THR A 764 -29.80 18.67 -7.95
N GLU A 765 -30.17 19.80 -8.53
CA GLU A 765 -31.15 20.71 -7.97
C GLU A 765 -32.51 20.37 -8.55
N PHE A 766 -33.57 20.61 -7.79
CA PHE A 766 -34.92 20.31 -8.24
C PHE A 766 -35.70 21.61 -8.39
N ARG A 767 -36.18 21.89 -9.59
CA ARG A 767 -36.83 23.17 -9.85
C ARG A 767 -38.36 23.11 -9.82
N ASP A 768 -38.94 23.61 -8.74
CA ASP A 768 -40.38 23.62 -8.55
C ASP A 768 -41.01 22.30 -8.96
N LYS A 769 -42.25 22.39 -9.43
CA LYS A 769 -42.90 21.24 -10.05
C LYS A 769 -42.27 21.04 -11.42
N GLY A 770 -41.54 22.06 -11.86
CA GLY A 770 -41.05 22.15 -13.23
C GLY A 770 -39.97 21.20 -13.72
N ALA A 771 -38.76 21.34 -13.21
CA ALA A 771 -37.62 20.70 -13.87
C ALA A 771 -36.45 20.22 -12.99
N LEU A 772 -35.52 19.54 -13.65
CA LEU A 772 -34.32 19.01 -13.02
C LEU A 772 -33.12 19.85 -13.44
N MET A 773 -32.44 20.42 -12.46
CA MET A 773 -31.25 21.21 -12.72
C MET A 773 -30.05 20.43 -12.25
N VAL A 774 -28.90 20.68 -12.86
CA VAL A 774 -27.66 20.07 -12.40
C VAL A 774 -26.54 21.09 -12.34
N ARG A 775 -25.93 21.18 -11.16
CA ARG A 775 -24.92 22.20 -10.90
C ARG A 775 -23.70 21.61 -10.19
N ASP A 776 -22.67 22.43 -10.06
CA ASP A 776 -21.47 22.01 -9.34
C ASP A 776 -21.59 22.27 -7.85
N SER A 777 -21.03 21.36 -7.07
CA SER A 777 -21.08 21.43 -5.61
C SER A 777 -19.69 21.61 -5.03
N TRP A 778 -19.52 22.66 -4.25
CA TRP A 778 -18.23 22.93 -3.64
C TRP A 778 -18.19 22.47 -2.19
N SER A 779 -17.11 22.78 -1.50
CA SER A 779 -16.88 22.22 -0.18
C SER A 779 -17.45 23.09 0.91
N SER A 780 -17.43 22.58 2.14
CA SER A 780 -17.84 23.35 3.30
C SER A 780 -16.69 24.22 3.75
N SER A 781 -15.57 23.57 4.07
CA SER A 781 -14.38 24.26 4.57
C SER A 781 -13.66 25.07 3.51
N VAL A 782 -13.01 26.15 3.92
CA VAL A 782 -12.28 27.03 3.02
C VAL A 782 -10.77 27.00 3.30
N THR A 783 -9.98 26.60 2.32
CA THR A 783 -8.54 26.49 2.52
C THR A 783 -7.76 27.53 1.73
N GLY A 784 -6.60 27.94 2.24
CA GLY A 784 -5.81 28.97 1.61
C GLY A 784 -4.66 28.42 0.78
N TYR A 785 -4.40 29.04 -0.36
CA TYR A 785 -3.35 28.61 -1.27
C TYR A 785 -2.60 29.82 -1.84
N PRO A 786 -1.27 29.73 -1.91
CA PRO A 786 -0.53 30.89 -2.42
C PRO A 786 -1.00 31.22 -3.82
N ALA A 787 -1.09 32.51 -4.15
CA ALA A 787 -1.62 32.91 -5.45
C ALA A 787 -0.66 32.53 -6.57
N GLN A 788 0.57 32.17 -6.19
CA GLN A 788 1.63 31.90 -7.14
C GLN A 788 1.51 30.50 -7.71
N GLY A 789 0.75 29.65 -7.04
CA GLY A 789 0.58 28.27 -7.47
C GLY A 789 -0.78 27.98 -8.09
N VAL A 790 -1.55 29.04 -8.29
CA VAL A 790 -2.85 28.91 -8.93
C VAL A 790 -2.64 28.57 -10.39
N VAL A 791 -3.19 27.44 -10.84
CA VAL A 791 -3.14 27.13 -12.27
C VAL A 791 -4.56 27.18 -12.81
N ALA A 792 -4.75 27.91 -13.90
CA ALA A 792 -6.09 28.17 -14.39
C ALA A 792 -6.29 27.75 -15.83
N ASP A 793 -7.52 27.37 -16.13
CA ASP A 793 -7.94 27.12 -17.51
C ASP A 793 -7.35 25.88 -18.14
N LEU A 794 -6.97 24.88 -17.37
CA LEU A 794 -6.55 23.62 -18.01
C LEU A 794 -7.76 22.80 -18.40
N THR A 795 -7.61 21.99 -19.44
CA THR A 795 -8.67 21.08 -19.84
C THR A 795 -8.47 19.75 -19.11
N VAL A 796 -9.57 19.08 -18.79
CA VAL A 796 -9.50 17.85 -18.02
C VAL A 796 -10.32 16.75 -18.68
N TRP A 797 -9.94 15.49 -18.45
CA TRP A 797 -10.71 14.38 -18.97
C TRP A 797 -11.52 13.75 -17.85
N GLU A 798 -12.77 14.18 -17.71
CA GLU A 798 -13.62 13.61 -16.69
C GLU A 798 -14.74 12.80 -17.29
N ARG A 799 -15.36 11.95 -16.46
CA ARG A 799 -16.52 11.15 -16.85
C ARG A 799 -16.63 9.87 -16.03
N LYS A 802 -23.54 10.12 -16.60
CA LYS A 802 -24.80 9.39 -16.67
C LYS A 802 -25.88 10.11 -15.87
N ASN A 803 -26.41 11.18 -16.45
CA ASN A 803 -27.39 12.01 -15.78
C ASN A 803 -28.74 11.32 -15.64
N PHE A 804 -29.50 11.73 -14.62
CA PHE A 804 -30.86 11.26 -14.45
C PHE A 804 -31.76 12.08 -15.38
N LEU A 805 -32.90 11.52 -15.74
CA LEU A 805 -33.80 12.20 -16.66
C LEU A 805 -34.97 12.82 -15.93
N ASN A 806 -36.05 12.06 -15.81
CA ASN A 806 -37.24 12.53 -15.14
C ASN A 806 -36.98 12.62 -13.64
N VAL A 807 -37.89 13.27 -12.92
CA VAL A 807 -37.84 13.30 -11.47
C VAL A 807 -38.11 11.88 -10.97
N GLU A 808 -38.98 11.19 -11.70
CA GLU A 808 -39.31 9.81 -11.43
C GLU A 808 -38.10 8.90 -11.63
N HIS A 809 -37.27 9.24 -12.62
CA HIS A 809 -36.05 8.48 -12.87
C HIS A 809 -35.16 8.54 -11.63
N TYR A 810 -35.12 9.72 -11.00
CA TYR A 810 -34.38 9.93 -9.76
C TYR A 810 -35.03 9.16 -8.61
N PHE A 811 -36.35 9.27 -8.51
CA PHE A 811 -37.12 8.64 -7.45
C PHE A 811 -38.09 7.59 -7.96
N PRO A 812 -37.59 6.41 -8.31
CA PRO A 812 -38.42 5.30 -8.77
C PRO A 812 -39.27 4.82 -7.61
N VAL A 813 -40.39 4.16 -7.90
CA VAL A 813 -41.30 3.69 -6.86
C VAL A 813 -40.73 2.48 -6.13
N GLY A 814 -40.81 2.50 -4.81
CA GLY A 814 -40.30 1.42 -4.00
C GLY A 814 -38.87 1.61 -3.56
N SER A 815 -38.20 2.61 -4.13
CA SER A 815 -36.84 2.93 -3.68
C SER A 815 -36.92 3.57 -2.30
N THR A 816 -35.86 3.40 -1.51
CA THR A 816 -35.80 3.94 -0.15
C THR A 816 -35.51 5.42 -0.17
N ILE A 817 -36.12 6.12 0.78
CA ILE A 817 -35.91 7.54 0.92
C ILE A 817 -35.62 7.83 2.38
N PHE A 818 -34.73 8.77 2.65
CA PHE A 818 -34.52 9.17 4.04
C PHE A 818 -35.00 10.60 4.26
N LEU A 819 -35.56 10.87 5.44
CA LEU A 819 -36.15 12.18 5.74
C LEU A 819 -35.14 13.15 6.35
N ILE A 820 -35.14 14.38 5.87
CA ILE A 820 -34.31 15.43 6.45
C ILE A 820 -35.18 16.55 7.00
N THR A 821 -36.49 16.37 6.89
CA THR A 821 -37.45 17.33 7.41
C THR A 821 -37.67 17.06 8.88
N ASP A 822 -37.89 18.13 9.61
CA ASP A 822 -37.94 18.09 11.07
C ASP A 822 -38.84 17.02 11.69
N PRO A 823 -40.03 16.80 11.15
CA PRO A 823 -40.92 15.82 11.80
C PRO A 823 -40.27 14.45 12.05
N TYR A 824 -39.42 13.99 11.14
CA TYR A 824 -38.80 12.69 11.31
C TYR A 824 -37.36 12.65 10.79
N TYR A 825 -36.57 13.66 11.15
CA TYR A 825 -35.17 13.70 10.75
C TYR A 825 -34.54 12.37 11.11
N GLY A 826 -34.21 11.58 10.09
CA GLY A 826 -33.52 10.32 10.28
C GLY A 826 -34.39 9.08 10.21
N SER A 827 -35.59 9.22 9.64
CA SER A 827 -36.51 8.11 9.57
C SER A 827 -36.41 7.38 8.24
N GLU A 828 -36.40 6.05 8.31
CA GLU A 828 -36.44 5.22 7.12
C GLU A 828 -37.72 5.56 6.39
N GLY A 829 -37.71 5.42 5.06
CA GLY A 829 -38.88 5.72 4.27
C GLY A 829 -38.81 5.07 2.92
N THR A 830 -39.90 5.16 2.18
CA THR A 830 -39.96 4.57 0.85
C THR A 830 -40.82 5.42 -0.08
N VAL A 831 -40.28 5.72 -1.25
CA VAL A 831 -40.97 6.54 -2.23
C VAL A 831 -42.16 5.79 -2.79
N GLN A 832 -43.27 6.50 -2.97
CA GLN A 832 -44.47 5.89 -3.52
C GLN A 832 -44.86 6.50 -4.86
N ASP A 833 -44.96 7.83 -4.90
CA ASP A 833 -45.28 8.49 -6.16
C ASP A 833 -44.64 9.88 -6.33
N PRO A 834 -43.79 10.01 -7.35
CA PRO A 834 -43.27 11.31 -7.79
C PRO A 834 -44.37 12.13 -8.48
N ARG A 835 -44.90 13.15 -7.80
CA ARG A 835 -45.92 14.01 -8.38
C ARG A 835 -45.27 15.16 -9.15
N ARG A 842 -42.98 18.48 -4.76
CA ARG A 842 -43.23 17.58 -3.64
C ARG A 842 -43.26 16.12 -4.10
N ILE A 843 -43.13 15.20 -3.16
CA ILE A 843 -43.03 13.78 -3.46
C ILE A 843 -43.92 12.95 -2.53
N GLN A 844 -44.60 11.96 -3.09
CA GLN A 844 -45.41 11.05 -2.28
C GLN A 844 -44.52 9.98 -1.67
N VAL A 845 -44.55 9.86 -0.34
CA VAL A 845 -43.66 8.93 0.35
C VAL A 845 -44.30 8.32 1.58
N SER A 846 -43.88 7.12 1.94
CA SER A 846 -44.36 6.45 3.15
C SER A 846 -43.21 6.28 4.13
N ILE A 847 -43.30 6.90 5.31
CA ILE A 847 -42.23 6.82 6.29
C ILE A 847 -42.49 5.79 7.37
N MET A 848 -41.51 4.94 7.62
CA MET A 848 -41.65 3.93 8.66
C MET A 848 -41.12 4.48 9.98
N VAL A 849 -42.03 4.98 10.80
CA VAL A 849 -41.64 5.53 12.09
C VAL A 849 -41.36 4.43 13.09
N ARG A 850 -40.30 4.60 13.85
CA ARG A 850 -39.92 3.64 14.87
C ARG A 850 -39.64 4.40 16.18
N PRO A 851 -39.78 3.69 17.31
CA PRO A 851 -39.52 4.27 18.62
C PRO A 851 -38.04 4.48 18.87
N GLU A 852 -37.71 5.35 19.84
CA GLU A 852 -36.32 5.59 20.21
C GLU A 852 -36.12 5.30 21.69
N PRO A 853 -35.08 4.52 22.02
CA PRO A 853 -34.79 4.08 23.39
C PRO A 853 -34.48 5.24 24.33
N LYS A 854 -34.80 5.05 25.61
CA LYS A 854 -34.46 6.03 26.63
C LYS A 854 -33.01 5.83 27.04
N VAL A 855 -32.19 6.86 26.86
CA VAL A 855 -30.78 6.76 27.13
C VAL A 855 -30.35 7.60 28.33
N ASN A 856 -31.25 8.46 28.79
CA ASN A 856 -30.94 9.34 29.91
C ASN A 856 -30.32 8.57 31.08
N ALA A 857 -30.80 7.36 31.29
CA ALA A 857 -30.29 6.50 32.37
C ALA A 857 -28.83 6.14 32.13
N ALA A 858 -28.55 5.61 30.95
CA ALA A 858 -27.19 5.24 30.56
C ALA A 858 -26.27 6.46 30.58
N ARG A 859 -26.73 7.56 29.99
CA ARG A 859 -25.96 8.79 30.06
C ARG A 859 -25.56 9.08 31.50
N GLN A 860 -26.55 9.00 32.38
CA GLN A 860 -26.32 9.27 33.80
C GLN A 860 -25.24 8.37 34.34
N LEU A 861 -25.33 7.08 34.04
CA LEU A 861 -24.34 6.14 34.53
C LEU A 861 -22.96 6.60 34.09
N GLN A 862 -22.83 6.91 32.80
CA GLN A 862 -21.53 7.27 32.27
C GLN A 862 -20.96 8.54 32.91
N GLU A 863 -21.79 9.57 33.10
CA GLU A 863 -21.30 10.83 33.66
C GLU A 863 -20.54 10.62 34.99
N GLU A 864 -21.07 9.75 35.84
CA GLU A 864 -20.46 9.47 37.13
C GLU A 864 -19.11 8.79 36.97
N ARG A 865 -19.06 7.83 36.04
CA ARG A 865 -17.81 7.13 35.75
C ARG A 865 -16.76 8.10 35.22
N ASP A 866 -17.17 8.94 34.28
CA ASP A 866 -16.32 10.00 33.75
C ASP A 866 -15.78 10.85 34.88
N ARG A 867 -16.54 10.95 35.98
CA ARG A 867 -16.01 11.62 37.17
C ARG A 867 -14.83 10.89 37.82
N ASP A 868 -14.80 9.57 37.71
CA ASP A 868 -13.76 8.77 38.34
C ASP A 868 -12.40 8.93 37.67
N TYR A 869 -11.69 10.01 37.99
CA TYR A 869 -10.41 10.28 37.36
C TYR A 869 -9.50 11.14 38.23
N LEU A 870 -8.22 10.76 38.30
CA LEU A 870 -7.24 11.55 39.04
C LEU A 870 -6.20 12.15 38.11
N SER A 871 -5.44 13.11 38.61
CA SER A 871 -4.39 13.74 37.83
C SER A 871 -3.08 12.99 38.02
N THR A 872 -2.11 13.28 37.16
CA THR A 872 -0.80 12.64 37.20
C THR A 872 -0.17 12.84 38.57
N PHE A 873 -0.26 14.08 39.06
CA PHE A 873 0.24 14.43 40.38
C PHE A 873 -0.52 13.69 41.48
N GLN A 874 -1.85 13.86 41.50
CA GLN A 874 -2.67 13.17 42.49
C GLN A 874 -2.24 11.71 42.58
N VAL A 875 -2.16 11.06 41.41
CA VAL A 875 -1.82 9.66 41.32
C VAL A 875 -0.40 9.41 41.82
N CYS A 876 0.49 10.37 41.60
CA CYS A 876 1.84 10.25 42.10
C CYS A 876 1.85 10.21 43.63
N ASN A 877 0.99 11.01 44.24
CA ASN A 877 0.91 11.07 45.70
C ASN A 877 0.27 9.84 46.31
N LEU A 878 -0.82 9.37 45.73
CA LEU A 878 -1.47 8.18 46.24
C LEU A 878 -0.52 6.99 46.24
N LEU A 879 0.34 6.90 45.23
CA LEU A 879 1.25 5.78 45.12
C LEU A 879 2.62 6.07 45.69
N ARG A 880 2.83 7.31 46.15
CA ARG A 880 4.09 7.69 46.75
C ARG A 880 5.26 7.36 45.83
N ILE A 881 5.19 7.87 44.61
CA ILE A 881 6.19 7.59 43.59
C ILE A 881 6.60 8.88 42.88
N SER A 882 7.82 8.90 42.34
CA SER A 882 8.29 10.05 41.58
C SER A 882 7.46 10.21 40.31
N GLY A 883 7.42 11.42 39.77
CA GLY A 883 6.68 11.67 38.55
C GLY A 883 7.27 10.85 37.42
N ARG A 884 8.59 10.82 37.38
CA ARG A 884 9.32 10.05 36.38
C ARG A 884 8.87 8.60 36.39
N THR A 885 8.86 8.01 37.58
CA THR A 885 8.54 6.59 37.70
C THR A 885 7.10 6.30 37.24
N LEU A 886 6.22 7.27 37.46
CA LEU A 886 4.86 7.14 36.97
C LEU A 886 4.89 7.16 35.44
N GLY A 887 5.75 8.01 34.90
CA GLY A 887 5.94 8.10 33.46
C GLY A 887 6.35 6.77 32.86
N ARG A 888 7.49 6.23 33.29
CA ARG A 888 7.94 4.95 32.77
C ARG A 888 6.92 3.84 33.02
N LEU A 889 6.43 3.78 34.25
CA LEU A 889 5.54 2.71 34.69
C LEU A 889 4.24 2.63 33.88
N SER A 890 3.64 3.78 33.60
CA SER A 890 2.33 3.81 32.96
C SER A 890 2.40 3.76 31.43
N GLY A 891 3.62 3.83 30.88
CA GLY A 891 3.79 3.73 29.44
C GLY A 891 4.38 2.40 29.04
N THR A 892 5.09 2.37 27.92
CA THR A 892 5.77 1.16 27.49
C THR A 892 7.28 1.29 27.64
N VAL A 893 7.88 0.35 28.36
CA VAL A 893 9.32 0.35 28.59
C VAL A 893 9.89 -0.96 28.10
N TRP A 894 10.82 -0.86 27.16
CA TRP A 894 11.42 -2.01 26.52
C TRP A 894 12.71 -2.40 27.18
N VAL A 895 12.79 -3.67 27.53
CA VAL A 895 14.00 -4.20 28.13
C VAL A 895 14.55 -5.32 27.26
N VAL A 896 15.88 -5.38 27.14
CA VAL A 896 16.53 -6.43 26.39
C VAL A 896 17.77 -6.95 27.12
N HIS A 910 11.70 -7.37 24.70
CA HIS A 910 10.83 -7.69 25.83
C HIS A 910 10.26 -6.43 26.49
N ASN A 911 8.96 -6.47 26.81
CA ASN A 911 8.28 -5.28 27.34
C ASN A 911 7.73 -5.41 28.76
N ILE A 912 7.91 -4.35 29.56
CA ILE A 912 7.40 -4.33 30.92
C ILE A 912 6.86 -2.98 31.37
N GLY A 913 5.83 -2.49 30.67
CA GLY A 913 5.14 -1.28 31.03
C GLY A 913 3.65 -1.56 31.03
N LEU A 914 2.94 -1.01 32.02
CA LEU A 914 1.52 -1.31 32.14
C LEU A 914 0.77 -0.98 30.86
N GLN A 915 1.41 -0.19 30.01
CA GLN A 915 0.89 0.19 28.69
C GLN A 915 -0.50 0.83 28.69
N LEU A 916 -0.63 1.92 29.43
CA LEU A 916 -1.90 2.63 29.51
C LEU A 916 -1.88 3.87 28.62
N LYS A 917 -0.71 4.48 28.49
CA LYS A 917 -0.54 5.67 27.68
C LYS A 917 0.55 5.48 26.63
N TYR A 918 0.39 6.14 25.49
CA TYR A 918 1.38 6.07 24.43
C TYR A 918 1.65 7.47 23.92
N PRO A 919 2.35 8.28 24.72
CA PRO A 919 2.51 9.71 24.42
C PRO A 919 3.03 9.95 23.02
N ARG A 920 4.16 9.34 22.66
CA ARG A 920 4.70 9.53 21.33
C ARG A 920 3.64 9.18 20.28
N GLN A 921 3.10 7.97 20.35
CA GLN A 921 2.05 7.54 19.45
C GLN A 921 0.82 8.43 19.48
N ASN A 922 0.57 9.03 20.64
CA ASN A 922 -0.63 9.82 20.85
C ASN A 922 -1.87 8.95 21.08
N GLU A 923 -1.69 7.86 21.81
CA GLU A 923 -2.76 6.94 22.15
C GLU A 923 -2.95 6.85 23.65
N GLU A 924 -4.07 6.27 24.07
CA GLU A 924 -4.43 6.11 25.47
C GLU A 924 -5.26 4.84 25.58
N ARG A 925 -5.17 4.13 26.70
CA ARG A 925 -5.87 2.86 26.81
C ARG A 925 -7.25 2.93 27.47
N ALA A 926 -8.30 2.85 26.67
CA ALA A 926 -9.66 2.73 27.18
C ALA A 926 -9.98 3.72 28.30
N GLY A 927 -10.48 3.18 29.41
CA GLY A 927 -10.84 3.99 30.55
C GLY A 927 -9.65 4.22 31.46
N TYR A 928 -8.57 3.51 31.22
CA TYR A 928 -7.41 3.61 32.11
C TYR A 928 -6.70 4.97 32.07
N CYS A 929 -6.30 5.41 30.89
CA CYS A 929 -5.62 6.69 30.76
C CYS A 929 -6.39 7.65 29.86
N PHE A 930 -6.17 8.94 30.05
CA PHE A 930 -6.86 9.93 29.23
C PHE A 930 -6.12 11.26 29.28
N ARG A 931 -6.07 12.00 28.17
CA ARG A 931 -5.31 13.26 28.15
C ARG A 931 -6.11 14.43 27.62
N THR A 932 -6.00 15.58 28.29
CA THR A 932 -6.78 16.77 27.91
C THR A 932 -5.95 18.03 27.75
N ASN A 933 -5.56 18.64 28.86
CA ASN A 933 -4.78 19.86 28.79
C ASN A 933 -3.29 19.52 28.61
N ASN A 934 -3.03 18.66 27.62
CA ASN A 934 -1.70 18.12 27.42
C ASN A 934 -1.17 17.51 28.71
N GLN A 935 -2.12 17.09 29.55
CA GLN A 935 -1.80 16.49 30.83
C GLN A 935 -2.47 15.11 30.88
N TRP A 936 -1.87 14.18 31.61
CA TRP A 936 -2.42 12.84 31.76
C TRP A 936 -3.27 12.66 33.02
N TYR A 937 -4.31 11.84 32.90
CA TYR A 937 -5.20 11.52 34.00
C TYR A 937 -5.49 10.02 34.00
N TYR A 938 -5.44 9.41 35.18
CA TYR A 938 -5.62 7.96 35.31
C TYR A 938 -6.86 7.64 36.15
N SER A 939 -7.68 6.71 35.69
CA SER A 939 -8.88 6.31 36.41
C SER A 939 -8.51 5.44 37.61
N SER A 940 -9.53 4.91 38.29
CA SER A 940 -9.31 4.10 39.47
C SER A 940 -8.78 2.71 39.15
N LEU A 941 -9.33 2.08 38.13
CA LEU A 941 -8.85 0.77 37.69
C LEU A 941 -7.35 0.90 37.44
N ALA A 942 -6.98 2.01 36.83
CA ALA A 942 -5.60 2.32 36.56
C ALA A 942 -4.80 2.32 37.86
N VAL A 943 -5.29 3.07 38.86
CA VAL A 943 -4.58 3.21 40.13
C VAL A 943 -4.44 1.92 40.91
N ASP A 944 -5.53 1.19 41.07
CA ASP A 944 -5.47 -0.11 41.74
C ASP A 944 -4.48 -1.00 41.02
N LEU A 945 -4.49 -0.93 39.69
CA LEU A 945 -3.56 -1.68 38.86
C LEU A 945 -2.11 -1.32 39.15
N MET A 946 -1.82 -0.02 39.15
CA MET A 946 -0.46 0.48 39.35
C MET A 946 0.02 0.17 40.76
N ARG A 947 -0.91 0.21 41.71
CA ARG A 947 -0.61 -0.13 43.08
C ARG A 947 -0.25 -1.60 43.15
N ASN A 948 -1.04 -2.42 42.48
CA ASN A 948 -0.76 -3.84 42.35
C ASN A 948 0.68 -4.07 41.93
N TYR A 949 0.98 -3.55 40.74
CA TYR A 949 2.31 -3.65 40.13
C TYR A 949 3.38 -3.25 41.12
N CYS A 950 3.18 -2.13 41.80
CA CYS A 950 4.13 -1.67 42.79
C CYS A 950 4.34 -2.69 43.92
N GLN A 951 3.24 -3.04 44.58
CA GLN A 951 3.27 -4.01 45.67
C GLN A 951 4.13 -5.19 45.27
N ARG A 952 3.81 -5.78 44.12
CA ARG A 952 4.49 -7.00 43.69
C ARG A 952 5.96 -6.82 43.27
N TYR A 953 6.26 -5.77 42.51
CA TYR A 953 7.60 -5.62 41.91
C TYR A 953 8.27 -4.31 42.26
N PRO A 954 8.80 -4.22 43.50
CA PRO A 954 9.37 -2.99 44.07
C PRO A 954 10.69 -2.54 43.46
N ASP A 955 11.68 -3.44 43.42
CA ASP A 955 13.00 -3.08 42.90
C ASP A 955 12.88 -2.46 41.52
N VAL A 956 12.00 -3.03 40.70
CA VAL A 956 11.77 -2.53 39.36
C VAL A 956 11.44 -1.05 39.45
N ILE A 957 10.45 -0.74 40.29
CA ILE A 957 10.06 0.65 40.50
C ILE A 957 11.26 1.48 40.93
N ASP A 958 11.95 1.04 41.98
CA ASP A 958 13.14 1.74 42.43
C ASP A 958 14.00 2.12 41.22
N PHE A 959 14.11 1.18 40.28
CA PHE A 959 14.84 1.41 39.05
C PHE A 959 14.23 2.54 38.20
N PHE A 960 12.96 2.38 37.84
CA PHE A 960 12.23 3.44 37.13
C PHE A 960 12.56 4.81 37.73
N GLY A 961 12.63 4.84 39.05
CA GLY A 961 12.84 6.07 39.78
C GLY A 961 14.24 6.63 39.61
N ASP A 962 15.26 5.79 39.85
CA ASP A 962 16.64 6.26 39.81
C ASP A 962 17.28 6.13 38.44
N SER A 963 16.48 5.78 37.43
CA SER A 963 17.03 5.49 36.10
C SER A 963 16.73 6.56 35.06
N ASN A 964 17.74 6.86 34.24
CA ASN A 964 17.66 7.88 33.21
C ASN A 964 16.81 7.46 32.02
N GLY A 981 20.61 -15.23 35.55
CA GLY A 981 19.82 -15.88 34.53
C GLY A 981 18.70 -14.97 34.06
N HIS A 982 18.52 -14.89 32.75
CA HIS A 982 17.51 -14.00 32.18
C HIS A 982 16.12 -14.62 32.27
N ARG A 983 15.52 -14.63 33.45
CA ARG A 983 14.24 -15.30 33.64
C ARG A 983 13.17 -14.41 34.27
N ARG A 984 13.57 -13.48 35.13
CA ARG A 984 12.62 -12.62 35.83
C ARG A 984 11.82 -11.77 34.86
N VAL A 985 12.50 -11.29 33.81
CA VAL A 985 11.85 -10.57 32.73
C VAL A 985 10.64 -11.35 32.22
N GLU A 986 10.86 -12.51 31.60
CA GLU A 986 9.73 -13.28 31.08
C GLU A 986 8.60 -13.33 32.10
N GLU A 987 8.97 -13.49 33.36
CA GLU A 987 8.01 -13.56 34.45
C GLU A 987 7.09 -12.33 34.49
N LEU A 988 7.65 -11.13 34.61
CA LEU A 988 6.77 -9.96 34.71
C LEU A 988 6.16 -9.54 33.36
N ALA A 989 6.89 -9.78 32.28
CA ALA A 989 6.37 -9.56 30.95
C ALA A 989 5.05 -10.30 30.81
N ASN A 990 5.05 -11.57 31.22
CA ASN A 990 3.82 -12.34 31.20
C ASN A 990 2.78 -11.91 32.23
N TRP A 991 3.20 -11.70 33.48
CA TRP A 991 2.27 -11.23 34.51
C TRP A 991 1.48 -10.05 33.97
N VAL A 992 2.16 -9.18 33.24
CA VAL A 992 1.53 -8.01 32.63
C VAL A 992 0.63 -8.38 31.45
N ARG A 993 1.16 -9.15 30.50
CA ARG A 993 0.40 -9.51 29.31
C ARG A 993 -0.91 -10.20 29.65
N GLN A 994 -0.92 -10.90 30.78
CA GLN A 994 -2.08 -11.68 31.18
C GLN A 994 -3.29 -10.82 31.54
N GLN A 995 -3.07 -9.78 32.33
CA GLN A 995 -4.18 -9.01 32.89
C GLN A 995 -5.08 -8.35 31.84
N PRO A 996 -6.33 -8.04 32.24
CA PRO A 996 -7.43 -7.65 31.35
C PRO A 996 -7.36 -6.26 30.71
N HIS A 997 -6.54 -5.34 31.21
CA HIS A 997 -6.45 -4.05 30.53
C HIS A 997 -5.88 -4.27 29.13
N MET A 998 -5.14 -5.36 28.95
CA MET A 998 -4.62 -5.72 27.65
C MET A 998 -5.77 -6.05 26.71
N LYS A 999 -6.82 -6.63 27.28
CA LYS A 999 -8.00 -6.97 26.52
C LYS A 999 -8.82 -5.74 26.13
N VAL A 1000 -8.61 -4.62 26.84
CA VAL A 1000 -9.36 -3.40 26.58
C VAL A 1000 -8.75 -2.55 25.46
N GLU A 1001 -9.59 -2.06 24.56
CA GLU A 1001 -9.14 -1.33 23.38
C GLU A 1001 -8.30 -0.10 23.73
N ARG A 1002 -7.22 0.12 22.99
CA ARG A 1002 -6.50 1.37 23.09
C ARG A 1002 -7.00 2.27 21.99
N ILE A 1003 -7.05 3.58 22.25
CA ILE A 1003 -7.66 4.52 21.31
C ILE A 1003 -6.89 5.83 21.24
N SER A 1004 -7.12 6.60 20.18
CA SER A 1004 -6.42 7.86 19.99
C SER A 1004 -6.95 8.92 20.95
N CYS A 1005 -6.07 9.78 21.43
CA CYS A 1005 -6.45 10.84 22.36
C CYS A 1005 -7.40 11.81 21.70
N GLY A 1006 -8.41 12.25 22.44
CA GLY A 1006 -9.38 13.18 21.93
C GLY A 1006 -10.68 12.48 21.58
N SER A 1007 -10.68 11.16 21.71
CA SER A 1007 -11.88 10.39 21.45
C SER A 1007 -12.56 9.99 22.76
N LYS A 1008 -13.88 10.08 22.75
CA LYS A 1008 -14.69 9.76 23.91
C LYS A 1008 -15.25 8.36 23.79
N THR A 1009 -15.06 7.56 24.84
CA THR A 1009 -15.55 6.19 24.87
C THR A 1009 -16.49 5.92 26.05
N VAL A 1010 -16.87 4.66 26.24
CA VAL A 1010 -17.90 4.26 27.20
C VAL A 1010 -17.64 2.88 27.80
N CYS A 1011 -18.06 2.66 29.05
CA CYS A 1011 -17.82 1.40 29.76
C CYS A 1011 -18.85 0.30 29.43
N ARG A 1012 -18.39 -0.95 29.46
CA ARG A 1012 -19.24 -2.11 29.11
C ARG A 1012 -20.56 -2.15 29.89
N GLU A 1013 -20.58 -1.54 31.06
CA GLU A 1013 -21.77 -1.50 31.88
C GLU A 1013 -22.86 -0.65 31.20
N THR A 1014 -22.46 0.53 30.75
CA THR A 1014 -23.34 1.43 30.02
C THR A 1014 -23.84 0.77 28.74
N ILE A 1015 -22.94 0.03 28.10
CA ILE A 1015 -23.29 -0.72 26.91
C ILE A 1015 -24.36 -1.74 27.25
N GLU A 1016 -24.23 -2.35 28.43
CA GLU A 1016 -25.23 -3.30 28.93
C GLU A 1016 -26.59 -2.62 29.08
N LEU A 1017 -26.62 -1.51 29.82
CA LEU A 1017 -27.86 -0.76 30.01
C LEU A 1017 -28.54 -0.44 28.68
N LEU A 1018 -27.76 0.05 27.73
CA LEU A 1018 -28.26 0.40 26.40
C LEU A 1018 -28.85 -0.82 25.70
N ILE A 1019 -28.07 -1.90 25.65
CA ILE A 1019 -28.50 -3.14 25.01
C ILE A 1019 -29.82 -3.62 25.60
N ALA A 1020 -29.93 -3.50 26.92
CA ALA A 1020 -31.14 -3.90 27.62
C ALA A 1020 -32.32 -3.01 27.21
N ALA A 1021 -32.06 -1.72 27.03
CA ALA A 1021 -33.12 -0.81 26.60
C ALA A 1021 -33.67 -1.17 25.22
N VAL A 1022 -32.75 -1.45 24.29
CA VAL A 1022 -33.18 -1.85 22.96
C VAL A 1022 -33.95 -3.18 23.02
N ASP A 1023 -33.45 -4.12 23.80
CA ASP A 1023 -34.19 -5.35 24.05
C ASP A 1023 -35.63 -4.96 24.36
N ASP A 1024 -35.77 -4.12 25.38
CA ASP A 1024 -37.07 -3.72 25.91
C ASP A 1024 -37.98 -3.01 24.91
N LEU A 1025 -37.41 -2.37 23.91
CA LEU A 1025 -38.24 -1.57 23.00
C LEU A 1025 -39.28 -2.34 22.17
N ARG A 1026 -38.91 -3.50 21.63
CA ARG A 1026 -39.81 -4.27 20.79
C ARG A 1026 -40.80 -5.08 21.62
N LYS A 1031 -44.95 2.05 12.00
CA LYS A 1031 -46.14 2.90 11.92
C LYS A 1031 -46.13 3.76 10.66
N HIS A 1032 -46.21 3.11 9.50
CA HIS A 1032 -46.06 3.78 8.21
C HIS A 1032 -46.99 4.98 8.04
N VAL A 1033 -46.38 6.14 7.83
CA VAL A 1033 -47.09 7.40 7.66
C VAL A 1033 -46.83 8.01 6.30
N LYS A 1034 -47.89 8.21 5.53
CA LYS A 1034 -47.77 8.74 4.18
C LYS A 1034 -47.77 10.26 4.17
N LEU A 1035 -46.87 10.84 3.38
CA LEU A 1035 -46.70 12.28 3.37
C LEU A 1035 -46.17 12.82 2.04
N GLN A 1036 -46.31 14.13 1.83
CA GLN A 1036 -45.83 14.80 0.63
C GLN A 1036 -44.66 15.68 1.01
N VAL A 1037 -43.52 15.44 0.39
CA VAL A 1037 -42.27 16.03 0.84
C VAL A 1037 -41.41 16.58 -0.31
N LYS A 1038 -40.98 17.83 -0.15
CA LYS A 1038 -40.09 18.45 -1.12
C LYS A 1038 -38.88 17.55 -1.38
N PRO A 1039 -38.39 17.52 -2.62
CA PRO A 1039 -37.34 16.60 -3.05
C PRO A 1039 -35.97 16.86 -2.43
N HIS A 1040 -35.61 18.12 -2.20
CA HIS A 1040 -34.28 18.44 -1.73
C HIS A 1040 -34.06 18.04 -0.27
N LEU A 1041 -35.12 17.58 0.39
CA LEU A 1041 -35.02 17.11 1.77
C LEU A 1041 -35.22 15.60 1.84
N LEU A 1042 -34.88 14.93 0.75
CA LEU A 1042 -34.89 13.48 0.72
C LEU A 1042 -33.49 13.00 0.40
N ILE A 1043 -32.97 12.10 1.24
CA ILE A 1043 -31.70 11.47 0.93
C ILE A 1043 -31.95 10.24 0.06
N LYS A 1044 -31.37 10.24 -1.13
CA LYS A 1044 -31.29 9.05 -1.98
C LYS A 1044 -30.00 8.36 -1.57
N PRO A 1045 -30.11 7.21 -0.88
CA PRO A 1045 -29.04 6.50 -0.18
C PRO A 1045 -27.63 6.57 -0.76
N ASN A 1046 -27.45 6.32 -2.05
CA ASN A 1046 -26.09 6.34 -2.59
C ASN A 1046 -25.83 7.40 -3.66
N VAL A 1047 -26.60 8.48 -3.62
CA VAL A 1047 -26.46 9.50 -4.64
C VAL A 1047 -26.27 10.87 -4.02
N THR A 1048 -27.10 11.20 -3.04
CA THR A 1048 -27.09 12.50 -2.39
C THR A 1048 -25.74 12.84 -1.74
N LEU A 1049 -25.28 14.07 -1.93
CA LEU A 1049 -24.00 14.53 -1.36
C LEU A 1049 -24.11 14.75 0.16
N PRO A 1050 -23.12 14.27 0.91
CA PRO A 1050 -23.24 14.20 2.37
C PRO A 1050 -23.32 15.56 3.06
N ASP A 1051 -23.06 16.64 2.31
CA ASP A 1051 -23.10 17.99 2.88
C ASP A 1051 -24.53 18.45 3.13
N VAL A 1052 -25.49 17.77 2.52
CA VAL A 1052 -26.88 18.16 2.70
C VAL A 1052 -27.43 17.62 4.01
N TYR A 1053 -26.84 16.51 4.49
CA TYR A 1053 -27.31 15.92 5.75
C TYR A 1053 -26.33 16.00 6.91
N ARG A 1054 -25.11 16.46 6.67
CA ARG A 1054 -24.17 16.71 7.75
C ARG A 1054 -24.85 17.56 8.81
N SER A 1055 -24.74 17.15 10.06
CA SER A 1055 -25.38 17.86 11.16
C SER A 1055 -24.70 19.21 11.42
N LYS A 1056 -25.52 20.23 11.70
CA LYS A 1056 -25.03 21.55 12.03
C LYS A 1056 -24.34 21.51 13.39
N ARG A 1057 -24.55 20.41 14.11
CA ARG A 1057 -23.91 20.21 15.40
C ARG A 1057 -23.09 18.93 15.36
N PRO A 1058 -21.85 18.99 15.88
CA PRO A 1058 -21.01 17.80 15.91
C PRO A 1058 -21.74 16.65 16.57
N VAL A 1059 -21.45 15.42 16.16
CA VAL A 1059 -22.10 14.26 16.74
C VAL A 1059 -21.70 14.11 18.21
N ARG A 1060 -22.61 13.56 19.00
CA ARG A 1060 -22.37 13.40 20.42
C ARG A 1060 -22.60 11.95 20.78
N LEU A 1061 -22.19 11.57 21.99
CA LEU A 1061 -22.45 10.23 22.48
C LEU A 1061 -23.95 10.03 22.68
N PHE A 1062 -24.38 8.77 22.63
CA PHE A 1062 -25.78 8.43 22.84
C PHE A 1062 -26.69 8.98 21.74
N ASP A 1063 -26.12 9.80 20.87
CA ASP A 1063 -26.82 10.25 19.67
C ASP A 1063 -27.41 9.05 18.97
N ARG A 1064 -28.58 9.21 18.36
CA ARG A 1064 -29.19 8.10 17.66
C ARG A 1064 -28.94 8.22 16.16
N VAL A 1065 -28.15 7.28 15.63
CA VAL A 1065 -27.67 7.37 14.25
C VAL A 1065 -28.28 6.32 13.32
N VAL A 1066 -28.43 6.67 12.05
CA VAL A 1066 -28.77 5.66 11.05
C VAL A 1066 -27.86 5.77 9.82
N ILE A 1067 -27.60 4.63 9.18
CA ILE A 1067 -26.66 4.54 8.07
C ILE A 1067 -27.30 4.82 6.71
N VAL A 1068 -26.76 5.79 5.99
CA VAL A 1068 -27.22 6.06 4.63
C VAL A 1068 -26.23 5.49 3.60
N ARG A 1069 -25.16 6.22 3.29
CA ARG A 1069 -24.10 5.69 2.41
C ARG A 1069 -23.75 4.25 2.78
N THR A 1070 -23.58 3.38 1.79
CA THR A 1070 -23.23 1.99 2.07
C THR A 1070 -21.86 1.89 2.72
N ILE A 1071 -21.73 0.98 3.67
CA ILE A 1071 -20.52 0.92 4.47
C ILE A 1071 -20.01 -0.50 4.65
N TYR A 1072 -19.42 -1.05 3.60
CA TYR A 1072 -18.86 -2.37 3.70
C TYR A 1072 -19.81 -3.41 4.31
N MET A 1073 -19.52 -3.86 5.53
CA MET A 1073 -20.32 -4.93 6.13
C MET A 1073 -21.76 -4.53 6.39
N VAL A 1074 -21.93 -3.30 6.87
CA VAL A 1074 -23.22 -2.79 7.30
C VAL A 1074 -24.11 -2.30 6.16
N PRO A 1075 -25.27 -2.95 5.98
CA PRO A 1075 -26.20 -2.54 4.92
C PRO A 1075 -26.78 -1.18 5.27
N VAL A 1076 -27.13 -0.39 4.27
CA VAL A 1076 -27.81 0.87 4.50
C VAL A 1076 -29.10 0.63 5.29
N GLY A 1077 -29.51 1.61 6.08
CA GLY A 1077 -30.76 1.53 6.80
C GLY A 1077 -30.60 1.09 8.24
N THR A 1078 -29.53 0.36 8.53
CA THR A 1078 -29.31 -0.13 9.88
C THR A 1078 -29.25 1.03 10.87
N LYS A 1079 -29.99 0.90 11.97
CA LYS A 1079 -30.09 1.96 12.95
C LYS A 1079 -29.40 1.57 14.24
N GLY A 1080 -28.88 2.56 14.97
CA GLY A 1080 -28.22 2.29 16.23
C GLY A 1080 -27.96 3.55 17.06
N THR A 1081 -27.19 3.38 18.13
CA THR A 1081 -26.80 4.53 18.95
C THR A 1081 -25.29 4.63 19.10
N VAL A 1082 -24.78 5.86 19.11
CA VAL A 1082 -23.35 6.09 19.27
C VAL A 1082 -22.89 5.64 20.66
N ILE A 1083 -21.74 4.98 20.70
CA ILE A 1083 -21.09 4.64 21.97
C ILE A 1083 -19.62 5.04 21.92
N GLY A 1084 -19.22 5.64 20.81
CA GLY A 1084 -17.86 6.09 20.63
C GLY A 1084 -17.77 7.23 19.65
N ILE A 1085 -16.82 8.13 19.87
CA ILE A 1085 -16.54 9.22 18.95
C ILE A 1085 -15.03 9.34 18.82
N HIS A 1086 -14.52 9.15 17.62
CA HIS A 1086 -13.10 9.01 17.37
C HIS A 1086 -12.63 9.88 16.21
N PRO A 1087 -11.78 10.87 16.49
CA PRO A 1087 -11.23 11.68 15.41
C PRO A 1087 -10.16 10.90 14.68
N VAL A 1088 -9.77 11.38 13.50
CA VAL A 1088 -8.67 10.78 12.75
C VAL A 1088 -8.08 11.82 11.83
N THR A 1089 -6.75 11.92 11.87
CA THR A 1089 -6.03 12.90 11.09
C THR A 1089 -4.96 12.21 10.28
N ASP A 1090 -4.75 12.66 9.05
CA ASP A 1090 -3.67 12.14 8.24
C ASP A 1090 -2.33 12.49 8.83
N PRO A 1091 -1.44 11.50 8.93
CA PRO A 1091 -0.11 11.74 9.50
C PRO A 1091 0.67 12.83 8.76
N ASN A 1092 0.81 12.72 7.45
CA ASN A 1092 1.59 13.66 6.64
C ASN A 1092 0.94 13.96 5.30
N PRO A 1093 -0.16 14.73 5.30
CA PRO A 1093 -0.88 14.94 4.04
C PRO A 1093 -0.05 15.70 3.05
N VAL A 1094 -0.08 15.29 1.78
CA VAL A 1094 0.59 16.03 0.74
C VAL A 1094 -0.42 17.02 0.17
N ARG A 1095 -1.68 16.77 0.48
CA ARG A 1095 -2.75 17.67 0.10
C ARG A 1095 -2.88 18.77 1.15
N LEU A 1096 -2.55 20.00 0.78
CA LEU A 1096 -2.57 21.08 1.76
C LEU A 1096 -3.93 21.18 2.43
N GLU A 1097 -4.97 20.78 1.71
CA GLU A 1097 -6.32 20.88 2.25
C GLU A 1097 -6.56 19.89 3.38
N CYS A 1098 -5.89 18.74 3.31
CA CYS A 1098 -6.07 17.65 4.28
C CYS A 1098 -5.24 17.80 5.53
N VAL A 1099 -4.26 18.70 5.49
CA VAL A 1099 -3.18 18.71 6.47
C VAL A 1099 -3.65 18.62 7.92
N HIS A 1100 -4.69 19.36 8.28
CA HIS A 1100 -5.20 19.30 9.64
C HIS A 1100 -6.66 18.90 9.71
N ALA A 1101 -7.21 18.52 8.57
CA ALA A 1101 -8.58 18.03 8.50
C ALA A 1101 -8.76 16.79 9.38
N VAL A 1102 -9.81 16.79 10.20
CA VAL A 1102 -10.12 15.65 11.05
C VAL A 1102 -11.45 15.01 10.67
N ASP A 1103 -11.40 13.75 10.24
CA ASP A 1103 -12.62 13.00 9.96
C ASP A 1103 -13.07 12.28 11.22
N THR A 1104 -14.38 12.05 11.36
CA THR A 1104 -14.91 11.49 12.59
C THR A 1104 -15.56 10.13 12.39
N PHE A 1105 -15.06 9.14 13.12
CA PHE A 1105 -15.63 7.80 13.13
C PHE A 1105 -16.35 7.56 14.44
N CYS A 1106 -17.42 6.77 14.40
CA CYS A 1106 -18.24 6.53 15.56
C CYS A 1106 -18.34 5.05 15.82
N LYS A 1107 -17.84 4.60 16.97
CA LYS A 1107 -18.11 3.23 17.38
C LYS A 1107 -19.60 3.20 17.65
N VAL A 1108 -20.34 2.47 16.81
CA VAL A 1108 -21.80 2.50 16.88
C VAL A 1108 -22.37 1.15 17.25
N LEU A 1109 -23.33 1.18 18.16
CA LEU A 1109 -24.03 -0.02 18.56
C LEU A 1109 -25.35 -0.09 17.81
N PHE A 1110 -25.37 -0.83 16.71
CA PHE A 1110 -26.61 -1.13 16.03
C PHE A 1110 -27.31 -2.17 16.90
N ASP A 1111 -28.63 -2.05 17.03
CA ASP A 1111 -29.36 -3.02 17.85
C ASP A 1111 -29.34 -4.41 17.24
N SER A 1112 -29.57 -4.47 15.93
CA SER A 1112 -29.50 -5.74 15.20
C SER A 1112 -28.06 -6.23 15.02
N PRO A 1113 -27.85 -7.54 15.14
CA PRO A 1113 -26.55 -8.19 14.95
C PRO A 1113 -25.96 -8.01 13.55
N VAL A 1114 -26.81 -7.96 12.53
CA VAL A 1114 -26.36 -7.81 11.13
C VAL A 1114 -26.33 -9.13 10.36
N ARG A 1127 -22.90 -6.70 16.03
CA ARG A 1127 -23.36 -5.79 17.07
C ARG A 1127 -22.78 -4.37 17.01
N VAL A 1128 -21.45 -4.26 16.95
CA VAL A 1128 -20.79 -2.96 17.02
C VAL A 1128 -19.79 -2.70 15.90
N TYR A 1129 -19.83 -1.48 15.34
CA TYR A 1129 -18.89 -1.12 14.28
C TYR A 1129 -18.56 0.37 14.24
N LYS A 1130 -17.28 0.68 14.04
CA LYS A 1130 -16.88 2.05 13.79
C LYS A 1130 -17.43 2.46 12.42
N VAL A 1131 -17.90 3.70 12.32
CA VAL A 1131 -18.50 4.17 11.08
C VAL A 1131 -18.29 5.67 10.88
N PRO A 1132 -17.86 6.06 9.68
CA PRO A 1132 -17.62 7.48 9.35
C PRO A 1132 -18.87 8.30 9.56
N GLU A 1133 -18.70 9.58 9.88
CA GLU A 1133 -19.83 10.48 10.12
C GLU A 1133 -20.54 10.81 8.80
N ILE A 1134 -19.84 10.62 7.69
CA ILE A 1134 -20.40 10.88 6.38
C ILE A 1134 -21.55 9.95 6.03
N ALA A 1135 -21.55 8.76 6.60
CA ALA A 1135 -22.56 7.76 6.26
C ALA A 1135 -23.68 7.73 7.28
N LEU A 1136 -23.81 8.81 8.06
CA LEU A 1136 -24.71 8.86 9.20
C LEU A 1136 -25.64 10.04 9.14
N VAL A 1137 -26.89 9.82 9.59
CA VAL A 1137 -27.74 10.94 9.98
C VAL A 1137 -28.11 10.75 11.45
N ILE A 1138 -28.34 11.86 12.13
CA ILE A 1138 -28.77 11.83 13.52
C ILE A 1138 -30.29 11.95 13.56
N ILE A 1139 -30.93 11.21 14.47
CA ILE A 1139 -32.39 11.20 14.53
C ILE A 1139 -32.93 12.28 15.46
N LYS A 1140 -33.65 13.23 14.88
CA LYS A 1140 -34.25 14.30 15.64
C LYS A 1140 -35.76 14.11 15.73
MG MG C . 6.43 -11.82 -6.82
#